data_1Y7P
#
_entry.id   1Y7P
#
_cell.length_a   95.709
_cell.length_b   95.709
_cell.length_c   167.551
_cell.angle_alpha   90.00
_cell.angle_beta   90.00
_cell.angle_gamma   90.00
#
_symmetry.space_group_name_H-M   'P 41 21 2'
#
loop_
_entity.id
_entity.type
_entity.pdbx_description
1 polymer 'Hypothetical protein AF1403'
2 non-polymer beta-D-ribopyranose
3 non-polymer 'ZINC ION'
4 water water
#
_entity_poly.entity_id   1
_entity_poly.type   'polypeptide(L)'
_entity_poly.pdbx_seq_one_letter_code
;GHMLRGLRIIAENKIGVLRDLTTIIAEEGGNITFAQTFLIKHGEHEGKALIYFEIEGGDFEKILERVKTFDYIIEIEEEE
SFERVFGKRVIILGGGALVSQVAIGAISEADRHNLRGERISVDTMPVVGEEEIAEAVKAVSRLHRAEVLVLAGGIMGGKI
TEEVKKLRKSGIRVISLSMFGSVPDVADVVISDPVMAGTLAVMHISEKAKFDLDRVKGRRIGK
;
_entity_poly.pdbx_strand_id   A,B,C
#
loop_
_chem_comp.id
_chem_comp.type
_chem_comp.name
_chem_comp.formula
RIP D-saccharide, beta linking beta-D-ribopyranose 'C5 H10 O5'
ZN non-polymer 'ZINC ION' 'Zn 2'
#
# COMPACT_ATOMS: atom_id res chain seq x y z
N LEU A 4 -20.77 9.36 -18.71
CA LEU A 4 -20.05 10.00 -17.56
C LEU A 4 -18.61 9.45 -17.51
N ARG A 5 -17.65 10.35 -17.38
CA ARG A 5 -16.24 9.97 -17.34
C ARG A 5 -15.48 10.88 -16.39
N GLY A 6 -14.55 10.31 -15.64
CA GLY A 6 -13.76 11.09 -14.69
C GLY A 6 -12.53 11.70 -15.34
N LEU A 7 -12.19 12.92 -14.93
CA LEU A 7 -11.03 13.58 -15.51
C LEU A 7 -10.24 14.36 -14.45
N ARG A 8 -9.10 13.79 -14.06
CA ARG A 8 -8.24 14.38 -13.05
C ARG A 8 -7.26 15.35 -13.72
N ILE A 9 -7.07 16.52 -13.10
CA ILE A 9 -6.16 17.53 -13.65
C ILE A 9 -5.47 18.34 -12.57
N ILE A 10 -4.20 18.63 -12.81
CA ILE A 10 -3.40 19.42 -11.89
C ILE A 10 -2.89 20.58 -12.74
N ALA A 11 -2.95 21.79 -12.21
CA ALA A 11 -2.50 22.95 -12.97
C ALA A 11 -2.03 24.06 -12.05
N GLU A 12 -1.52 25.12 -12.64
CA GLU A 12 -1.02 26.27 -11.89
C GLU A 12 -2.19 27.06 -11.32
N ASN A 13 -2.09 27.44 -10.05
CA ASN A 13 -3.14 28.21 -9.40
C ASN A 13 -3.18 29.61 -9.99
N LYS A 14 -3.83 29.76 -11.15
CA LYS A 14 -3.94 31.05 -11.81
C LYS A 14 -5.41 31.40 -12.02
N ILE A 15 -5.67 32.68 -12.28
CA ILE A 15 -7.04 33.12 -12.51
C ILE A 15 -7.40 32.84 -13.97
N GLY A 16 -8.68 32.54 -14.19
CA GLY A 16 -9.15 32.25 -15.53
C GLY A 16 -8.84 30.83 -15.97
N VAL A 17 -7.92 30.17 -15.27
CA VAL A 17 -7.53 28.79 -15.60
C VAL A 17 -8.76 27.90 -15.67
N LEU A 18 -9.65 28.08 -14.70
CA LEU A 18 -10.87 27.29 -14.64
C LEU A 18 -11.79 27.66 -15.80
N ARG A 19 -11.97 28.97 -16.00
CA ARG A 19 -12.79 29.52 -17.07
C ARG A 19 -12.41 28.99 -18.46
N ASP A 20 -11.11 28.84 -18.71
CA ASP A 20 -10.65 28.34 -20.00
C ASP A 20 -11.11 26.90 -20.11
N LEU A 21 -11.03 26.19 -18.98
CA LEU A 21 -11.40 24.80 -18.89
C LEU A 21 -12.90 24.58 -19.04
N THR A 22 -13.67 25.41 -18.35
CA THR A 22 -15.12 25.32 -18.39
C THR A 22 -15.68 25.80 -19.75
N THR A 23 -14.80 26.32 -20.60
CA THR A 23 -15.19 26.80 -21.92
C THR A 23 -14.97 25.73 -22.98
N ILE A 24 -13.82 25.06 -22.93
CA ILE A 24 -13.50 23.99 -23.87
C ILE A 24 -14.60 22.94 -23.78
N ILE A 25 -15.24 22.89 -22.61
CA ILE A 25 -16.31 21.95 -22.38
C ILE A 25 -17.60 22.56 -22.96
N ALA A 26 -17.46 23.08 -24.18
CA ALA A 26 -18.56 23.70 -24.90
C ALA A 26 -18.39 23.39 -26.38
N ASN A 31 -21.14 17.12 -21.04
CA ASN A 31 -21.98 17.68 -19.98
C ASN A 31 -21.38 17.40 -18.59
N ILE A 32 -21.02 18.46 -17.88
CA ILE A 32 -20.42 18.34 -16.55
C ILE A 32 -21.45 18.02 -15.46
N THR A 33 -21.46 16.78 -15.00
CA THR A 33 -22.38 16.36 -13.95
C THR A 33 -21.79 16.71 -12.57
N PHE A 34 -20.47 16.55 -12.43
CA PHE A 34 -19.77 16.86 -11.19
C PHE A 34 -18.46 17.58 -11.51
N ALA A 35 -18.06 18.47 -10.61
CA ALA A 35 -16.82 19.21 -10.79
C ALA A 35 -16.29 19.68 -9.44
N GLN A 36 -14.98 19.60 -9.28
CA GLN A 36 -14.35 20.04 -8.04
C GLN A 36 -12.94 20.55 -8.29
N THR A 37 -12.54 21.52 -7.49
CA THR A 37 -11.21 22.09 -7.61
C THR A 37 -10.74 22.59 -6.26
N PHE A 38 -9.47 22.38 -5.99
CA PHE A 38 -8.88 22.84 -4.75
C PHE A 38 -7.37 22.89 -4.91
N LEU A 39 -6.73 23.64 -4.02
CA LEU A 39 -5.29 23.79 -4.08
C LEU A 39 -4.59 22.70 -3.29
N ILE A 40 -3.64 22.05 -3.94
CA ILE A 40 -2.85 21.00 -3.31
C ILE A 40 -2.09 21.66 -2.17
N LYS A 41 -2.25 21.12 -0.96
CA LYS A 41 -1.61 21.69 0.22
C LYS A 41 -0.26 21.07 0.60
N HIS A 42 -0.01 19.83 0.19
CA HIS A 42 1.24 19.14 0.49
C HIS A 42 1.78 18.45 -0.74
N GLY A 43 2.84 17.67 -0.54
CA GLY A 43 3.42 16.92 -1.63
C GLY A 43 4.18 17.67 -2.71
N GLU A 44 4.48 16.93 -3.78
CA GLU A 44 5.23 17.44 -4.93
C GLU A 44 4.52 18.59 -5.65
N HIS A 45 3.20 18.64 -5.54
CA HIS A 45 2.42 19.68 -6.19
C HIS A 45 1.70 20.61 -5.23
N GLU A 46 2.36 20.95 -4.12
CA GLU A 46 1.79 21.86 -3.14
C GLU A 46 1.71 23.27 -3.72
N GLY A 47 0.53 23.88 -3.68
CA GLY A 47 0.37 25.21 -4.21
C GLY A 47 -0.21 25.23 -5.61
N LYS A 48 -0.41 24.03 -6.17
CA LYS A 48 -0.98 23.87 -7.50
C LYS A 48 -2.45 23.50 -7.32
N ALA A 49 -3.23 23.59 -8.40
CA ALA A 49 -4.64 23.26 -8.30
C ALA A 49 -5.01 21.89 -8.84
N LEU A 50 -5.80 21.16 -8.06
CA LEU A 50 -6.28 19.84 -8.46
C LEU A 50 -7.68 20.10 -9.02
N ILE A 51 -7.86 19.81 -10.30
CA ILE A 51 -9.14 20.03 -10.97
C ILE A 51 -9.73 18.73 -11.48
N TYR A 52 -10.92 18.39 -10.99
CA TYR A 52 -11.59 17.15 -11.37
C TYR A 52 -13.00 17.39 -11.96
N PHE A 53 -13.21 16.88 -13.17
CA PHE A 53 -14.50 16.99 -13.85
C PHE A 53 -15.04 15.61 -14.18
N GLU A 54 -16.36 15.47 -14.10
CA GLU A 54 -17.02 14.22 -14.43
C GLU A 54 -18.01 14.60 -15.52
N ILE A 55 -17.63 14.32 -16.76
CA ILE A 55 -18.45 14.68 -17.91
C ILE A 55 -19.05 13.52 -18.67
N GLU A 56 -20.35 13.63 -18.92
CA GLU A 56 -21.10 12.63 -19.68
C GLU A 56 -21.43 13.28 -21.02
N GLY A 57 -21.15 12.55 -22.11
CA GLY A 57 -21.44 13.07 -23.43
C GLY A 57 -20.48 14.14 -23.92
N GLY A 58 -20.26 14.15 -25.23
CA GLY A 58 -19.35 15.12 -25.82
C GLY A 58 -18.08 14.41 -26.27
N ASP A 59 -17.06 15.19 -26.64
CA ASP A 59 -15.80 14.64 -27.09
C ASP A 59 -14.73 14.78 -26.00
N PHE A 60 -14.76 13.87 -25.03
CA PHE A 60 -13.81 13.86 -23.91
C PHE A 60 -12.42 13.86 -24.52
N GLU A 61 -12.23 13.00 -25.52
CA GLU A 61 -10.97 12.83 -26.23
C GLU A 61 -10.46 14.16 -26.79
N LYS A 62 -11.36 14.92 -27.40
CA LYS A 62 -10.99 16.21 -27.96
C LYS A 62 -10.53 17.14 -26.85
N ILE A 63 -11.40 17.34 -25.86
CA ILE A 63 -11.12 18.20 -24.71
C ILE A 63 -9.79 17.79 -24.07
N LEU A 64 -9.45 16.50 -24.18
CA LEU A 64 -8.19 16.00 -23.66
C LEU A 64 -7.12 16.75 -24.43
N GLU A 65 -7.17 16.52 -25.75
CA GLU A 65 -6.26 17.10 -26.72
C GLU A 65 -6.21 18.63 -26.64
N ARG A 66 -7.39 19.23 -26.46
CA ARG A 66 -7.53 20.69 -26.39
C ARG A 66 -6.96 21.37 -25.15
N VAL A 67 -6.96 20.68 -24.01
CA VAL A 67 -6.45 21.23 -22.74
C VAL A 67 -4.93 21.07 -22.65
N LYS A 68 -4.42 19.97 -23.21
CA LYS A 68 -2.98 19.68 -23.21
C LYS A 68 -2.22 20.90 -23.74
N THR A 69 -2.84 21.58 -24.70
CA THR A 69 -2.26 22.76 -25.34
C THR A 69 -2.01 23.93 -24.37
N PHE A 70 -2.52 23.82 -23.15
CA PHE A 70 -2.33 24.89 -22.14
C PHE A 70 -1.02 24.74 -21.35
N ASP A 71 -0.28 25.83 -21.26
CA ASP A 71 1.02 25.84 -20.58
C ASP A 71 0.97 25.77 -19.06
N TYR A 72 -0.22 25.91 -18.48
CA TYR A 72 -0.34 25.84 -17.02
C TYR A 72 -0.86 24.47 -16.57
N ILE A 73 -0.90 23.52 -17.51
CA ILE A 73 -1.34 22.15 -17.21
C ILE A 73 -0.15 21.32 -16.79
N ILE A 74 -0.24 20.73 -15.60
CA ILE A 74 0.82 19.87 -15.08
C ILE A 74 0.51 18.43 -15.49
N GLU A 75 -0.57 17.89 -14.91
CA GLU A 75 -1.01 16.53 -15.18
C GLU A 75 -2.44 16.53 -15.76
N ILE A 76 -2.81 15.42 -16.38
CA ILE A 76 -4.13 15.21 -16.98
C ILE A 76 -4.32 13.69 -17.02
N GLU A 77 -5.57 13.23 -16.92
CA GLU A 77 -5.84 11.78 -16.93
C GLU A 77 -7.29 11.51 -16.59
N GLU A 78 -7.82 10.43 -17.14
CA GLU A 78 -9.20 10.07 -16.84
C GLU A 78 -9.20 9.21 -15.58
N GLU A 79 -10.36 9.12 -14.92
CA GLU A 79 -10.48 8.34 -13.69
C GLU A 79 -11.84 7.66 -13.58
N GLU A 80 -12.07 7.03 -12.43
CA GLU A 80 -13.33 6.36 -12.14
C GLU A 80 -14.13 7.31 -11.26
N SER A 81 -15.38 7.54 -11.63
CA SER A 81 -16.23 8.45 -10.86
C SER A 81 -16.19 8.10 -9.38
N PHE A 82 -16.27 9.12 -8.54
CA PHE A 82 -16.27 8.90 -7.10
C PHE A 82 -17.40 7.96 -6.75
N GLU A 83 -18.42 7.93 -7.59
CA GLU A 83 -19.58 7.06 -7.39
C GLU A 83 -19.17 5.61 -7.59
N ARG A 84 -18.23 5.37 -8.52
CA ARG A 84 -17.76 4.02 -8.83
C ARG A 84 -16.69 3.51 -7.87
N VAL A 85 -15.96 4.42 -7.24
CA VAL A 85 -14.91 4.01 -6.30
C VAL A 85 -15.38 4.08 -4.85
N PHE A 86 -15.85 5.25 -4.43
CA PHE A 86 -16.32 5.43 -3.05
C PHE A 86 -17.84 5.35 -2.83
N GLY A 87 -18.62 5.42 -3.91
CA GLY A 87 -20.06 5.31 -3.86
C GLY A 87 -20.93 6.21 -2.97
N LYS A 88 -22.05 5.65 -2.52
CA LYS A 88 -23.01 6.35 -1.66
C LYS A 88 -22.48 6.39 -0.23
N ARG A 89 -22.85 7.43 0.52
CA ARG A 89 -22.31 7.59 1.86
C ARG A 89 -23.25 7.62 3.05
N VAL A 90 -22.82 6.96 4.11
CA VAL A 90 -23.53 6.96 5.38
C VAL A 90 -22.72 7.93 6.22
N ILE A 91 -23.37 8.94 6.79
CA ILE A 91 -22.66 9.91 7.63
C ILE A 91 -23.06 9.63 9.08
N ILE A 92 -22.10 9.61 9.99
CA ILE A 92 -22.43 9.36 11.40
C ILE A 92 -21.86 10.51 12.22
N LEU A 93 -22.69 11.12 13.06
CA LEU A 93 -22.26 12.23 13.89
C LEU A 93 -22.70 12.05 15.34
N GLY A 94 -21.88 12.53 16.27
CA GLY A 94 -22.22 12.43 17.67
C GLY A 94 -21.04 12.12 18.57
N GLY A 95 -21.31 11.51 19.72
CA GLY A 95 -20.25 11.16 20.66
C GLY A 95 -19.41 9.99 20.17
N GLY A 96 -18.12 10.02 20.52
CA GLY A 96 -17.19 8.99 20.11
C GLY A 96 -17.58 7.53 20.20
N ALA A 97 -17.83 7.02 21.41
CA ALA A 97 -18.19 5.62 21.59
C ALA A 97 -19.41 5.18 20.75
N LEU A 98 -20.50 5.93 20.85
CA LEU A 98 -21.68 5.56 20.09
C LEU A 98 -21.46 5.67 18.59
N VAL A 99 -20.72 6.69 18.16
CA VAL A 99 -20.44 6.84 16.74
C VAL A 99 -19.68 5.60 16.24
N SER A 100 -18.71 5.13 17.02
CA SER A 100 -17.92 3.96 16.64
C SER A 100 -18.79 2.70 16.61
N GLN A 101 -19.69 2.58 17.57
CA GLN A 101 -20.56 1.41 17.62
C GLN A 101 -21.38 1.35 16.33
N VAL A 102 -21.96 2.49 15.96
CA VAL A 102 -22.76 2.55 14.75
C VAL A 102 -21.87 2.19 13.57
N ALA A 103 -20.65 2.74 13.54
CA ALA A 103 -19.68 2.49 12.46
C ALA A 103 -19.39 1.02 12.28
N ILE A 104 -19.29 0.29 13.38
CA ILE A 104 -19.02 -1.13 13.33
C ILE A 104 -20.10 -1.81 12.49
N GLY A 105 -21.37 -1.51 12.80
CA GLY A 105 -22.45 -2.11 12.04
C GLY A 105 -22.49 -1.69 10.59
N ALA A 106 -22.30 -0.39 10.34
CA ALA A 106 -22.32 0.15 8.98
C ALA A 106 -21.18 -0.38 8.11
N ILE A 107 -19.97 -0.40 8.66
CA ILE A 107 -18.81 -0.90 7.91
C ILE A 107 -18.99 -2.39 7.59
N SER A 108 -19.51 -3.14 8.55
CA SER A 108 -19.74 -4.57 8.35
C SER A 108 -20.72 -4.81 7.21
N GLU A 109 -21.85 -4.12 7.26
CA GLU A 109 -22.88 -4.27 6.25
C GLU A 109 -22.39 -3.79 4.90
N ALA A 110 -21.69 -2.65 4.89
CA ALA A 110 -21.14 -2.10 3.65
C ALA A 110 -20.12 -3.06 3.03
N ASP A 111 -19.39 -3.78 3.88
CA ASP A 111 -18.39 -4.72 3.40
C ASP A 111 -19.05 -5.79 2.52
N ARG A 112 -20.15 -6.37 2.99
CA ARG A 112 -20.83 -7.38 2.21
C ARG A 112 -21.40 -6.79 0.91
N HIS A 113 -22.05 -5.64 1.01
CA HIS A 113 -22.64 -4.99 -0.16
C HIS A 113 -21.65 -4.53 -1.23
N ASN A 114 -20.51 -3.98 -0.80
CA ASN A 114 -19.50 -3.50 -1.75
C ASN A 114 -18.95 -4.64 -2.57
N LEU A 115 -18.89 -5.81 -1.95
CA LEU A 115 -18.40 -7.02 -2.59
C LEU A 115 -19.27 -7.25 -3.82
N ARG A 116 -20.55 -6.90 -3.71
CA ARG A 116 -21.49 -7.08 -4.80
C ARG A 116 -21.66 -5.90 -5.77
N GLY A 117 -20.54 -5.39 -6.29
CA GLY A 117 -20.60 -4.30 -7.25
C GLY A 117 -20.88 -2.88 -6.79
N GLU A 118 -22.05 -2.65 -6.19
CA GLU A 118 -22.37 -1.31 -5.72
C GLU A 118 -21.37 -0.90 -4.66
N ARG A 119 -21.22 0.40 -4.45
CA ARG A 119 -20.28 0.93 -3.47
C ARG A 119 -20.96 1.78 -2.41
N ILE A 120 -20.57 1.60 -1.16
CA ILE A 120 -21.12 2.36 -0.06
C ILE A 120 -20.00 2.56 0.94
N SER A 121 -19.83 3.79 1.40
CA SER A 121 -18.79 4.07 2.39
C SER A 121 -19.39 4.70 3.65
N VAL A 122 -18.65 4.61 4.75
CA VAL A 122 -19.08 5.12 6.03
C VAL A 122 -18.16 6.22 6.52
N ASP A 123 -18.65 7.46 6.49
CA ASP A 123 -17.88 8.62 6.92
C ASP A 123 -18.39 9.10 8.26
N THR A 124 -17.48 9.43 9.17
CA THR A 124 -17.86 9.85 10.51
C THR A 124 -17.09 11.05 11.04
N MET A 125 -17.65 11.67 12.07
CA MET A 125 -17.00 12.77 12.74
C MET A 125 -17.59 12.90 14.14
N PRO A 126 -16.75 12.72 15.17
CA PRO A 126 -17.25 12.86 16.54
C PRO A 126 -17.39 14.35 16.80
N VAL A 127 -18.55 14.78 17.28
CA VAL A 127 -18.78 16.19 17.53
C VAL A 127 -19.84 16.33 18.59
N VAL A 128 -19.70 17.31 19.46
CA VAL A 128 -20.69 17.49 20.50
C VAL A 128 -21.00 18.97 20.68
N GLY A 129 -22.04 19.26 21.45
CA GLY A 129 -22.46 20.63 21.65
C GLY A 129 -23.65 20.86 20.73
N GLU A 130 -24.72 21.44 21.26
CA GLU A 130 -25.91 21.65 20.44
C GLU A 130 -25.65 22.38 19.13
N GLU A 131 -25.07 23.57 19.20
CA GLU A 131 -24.81 24.34 17.99
C GLU A 131 -23.84 23.68 17.02
N GLU A 132 -22.78 23.09 17.58
CA GLU A 132 -21.77 22.43 16.74
C GLU A 132 -22.40 21.26 15.99
N ILE A 133 -23.19 20.46 16.70
CA ILE A 133 -23.85 19.31 16.10
C ILE A 133 -24.87 19.80 15.06
N ALA A 134 -25.62 20.85 15.41
CA ALA A 134 -26.63 21.42 14.52
C ALA A 134 -26.00 21.88 13.21
N GLU A 135 -24.87 22.59 13.34
CA GLU A 135 -24.16 23.09 12.19
C GLU A 135 -23.69 21.94 11.29
N ALA A 136 -23.17 20.88 11.90
CA ALA A 136 -22.68 19.72 11.16
C ALA A 136 -23.82 18.98 10.49
N VAL A 137 -24.97 18.93 11.14
CA VAL A 137 -26.12 18.24 10.56
C VAL A 137 -26.55 19.01 9.31
N LYS A 138 -26.53 20.34 9.39
CA LYS A 138 -26.90 21.17 8.25
C LYS A 138 -25.97 20.88 7.09
N ALA A 139 -24.67 20.88 7.38
CA ALA A 139 -23.64 20.64 6.36
C ALA A 139 -23.77 19.33 5.58
N VAL A 140 -24.42 18.32 6.15
CA VAL A 140 -24.58 17.04 5.47
C VAL A 140 -25.33 17.20 4.16
N SER A 141 -26.21 18.19 4.09
CA SER A 141 -26.99 18.41 2.88
C SER A 141 -26.12 18.88 1.70
N ARG A 142 -24.95 19.43 2.00
CA ARG A 142 -24.04 19.93 0.97
C ARG A 142 -22.97 18.89 0.60
N LEU A 143 -22.98 17.75 1.27
CA LEU A 143 -22.01 16.69 0.99
C LEU A 143 -22.37 15.80 -0.18
N HIS A 144 -21.44 15.68 -1.12
CA HIS A 144 -21.64 14.86 -2.31
C HIS A 144 -21.80 13.38 -1.98
N ARG A 145 -22.86 12.79 -2.52
CA ARG A 145 -23.14 11.37 -2.34
C ARG A 145 -23.66 10.94 -0.98
N ALA A 146 -23.88 11.89 -0.07
CA ALA A 146 -24.41 11.56 1.25
C ALA A 146 -25.90 11.21 1.10
N GLU A 147 -26.34 10.15 1.75
CA GLU A 147 -27.74 9.74 1.64
C GLU A 147 -28.44 9.47 2.96
N VAL A 148 -27.68 9.04 3.96
CA VAL A 148 -28.25 8.75 5.26
C VAL A 148 -27.33 9.26 6.34
N LEU A 149 -27.92 9.87 7.37
CA LEU A 149 -27.18 10.37 8.51
C LEU A 149 -27.65 9.64 9.75
N VAL A 150 -26.71 9.14 10.53
CA VAL A 150 -27.06 8.48 11.78
C VAL A 150 -26.54 9.39 12.89
N LEU A 151 -27.44 9.77 13.81
CA LEU A 151 -27.08 10.61 14.95
C LEU A 151 -26.91 9.70 16.16
N ALA A 152 -25.68 9.64 16.66
CA ALA A 152 -25.32 8.78 17.78
C ALA A 152 -24.87 9.59 18.97
N GLY A 153 -25.69 9.60 20.02
CA GLY A 153 -25.37 10.33 21.23
C GLY A 153 -26.36 9.98 22.31
N GLY A 154 -26.18 10.54 23.51
CA GLY A 154 -27.09 10.26 24.61
C GLY A 154 -28.25 11.22 24.71
N ILE A 155 -28.06 12.45 24.24
CA ILE A 155 -29.12 13.46 24.27
C ILE A 155 -28.88 14.55 23.20
N MET A 156 -29.91 14.86 22.44
CA MET A 156 -29.82 15.87 21.38
C MET A 156 -31.19 16.52 21.18
N GLY A 157 -31.21 17.82 20.94
CA GLY A 157 -32.46 18.53 20.71
C GLY A 157 -32.18 19.95 20.24
N GLY A 158 -33.04 20.88 20.65
CA GLY A 158 -32.87 22.26 20.27
C GLY A 158 -32.61 22.47 18.79
N LYS A 159 -31.55 23.22 18.49
CA LYS A 159 -31.18 23.50 17.10
C LYS A 159 -30.98 22.25 16.26
N ILE A 160 -30.45 21.19 16.88
CA ILE A 160 -30.20 19.96 16.14
C ILE A 160 -31.51 19.42 15.57
N THR A 161 -32.55 19.42 16.39
CA THR A 161 -33.85 18.95 15.96
C THR A 161 -34.31 19.76 14.77
N GLU A 162 -34.08 21.06 14.81
CA GLU A 162 -34.49 21.90 13.69
C GLU A 162 -33.75 21.56 12.41
N GLU A 163 -32.44 21.41 12.50
CA GLU A 163 -31.65 21.06 11.32
C GLU A 163 -32.04 19.67 10.80
N VAL A 164 -32.50 18.80 11.69
CA VAL A 164 -32.91 17.45 11.29
C VAL A 164 -34.19 17.57 10.46
N LYS A 165 -35.12 18.42 10.91
CA LYS A 165 -36.37 18.63 10.18
C LYS A 165 -36.03 19.11 8.78
N LYS A 166 -35.12 20.09 8.71
CA LYS A 166 -34.71 20.69 7.44
C LYS A 166 -34.02 19.73 6.49
N LEU A 167 -33.36 18.71 7.02
CA LEU A 167 -32.67 17.74 6.17
C LEU A 167 -33.68 16.98 5.33
N ARG A 168 -34.92 16.91 5.82
CA ARG A 168 -35.97 16.20 5.11
C ARG A 168 -36.25 16.84 3.75
N LYS A 169 -36.01 18.14 3.63
CA LYS A 169 -36.28 18.79 2.35
C LYS A 169 -35.17 18.58 1.33
N SER A 170 -34.06 17.99 1.74
CA SER A 170 -32.99 17.72 0.78
C SER A 170 -32.95 16.22 0.47
N GLY A 171 -33.85 15.47 1.10
CA GLY A 171 -33.92 14.04 0.86
C GLY A 171 -32.95 13.16 1.64
N ILE A 172 -32.23 13.74 2.59
CA ILE A 172 -31.28 12.98 3.40
C ILE A 172 -32.06 12.26 4.50
N ARG A 173 -31.92 10.94 4.60
CA ARG A 173 -32.63 10.20 5.64
C ARG A 173 -31.83 10.32 6.94
N VAL A 174 -32.52 10.23 8.08
CA VAL A 174 -31.88 10.35 9.38
C VAL A 174 -32.31 9.23 10.32
N ILE A 175 -31.32 8.56 10.91
CA ILE A 175 -31.59 7.48 11.84
C ILE A 175 -31.03 7.97 13.16
N SER A 176 -31.80 7.84 14.23
CA SER A 176 -31.36 8.28 15.54
C SER A 176 -31.35 7.10 16.51
N LEU A 177 -30.45 7.14 17.47
CA LEU A 177 -30.39 6.10 18.50
C LEU A 177 -31.47 6.46 19.51
N SER A 178 -31.78 5.56 20.42
CA SER A 178 -32.79 5.86 21.44
C SER A 178 -32.18 6.76 22.50
N MET A 179 -32.05 8.03 22.17
CA MET A 179 -31.46 9.01 23.07
C MET A 179 -32.54 9.91 23.69
N PHE A 180 -32.11 10.81 24.57
CA PHE A 180 -33.02 11.77 25.19
C PHE A 180 -33.06 12.95 24.24
N GLY A 181 -33.98 13.89 24.51
CA GLY A 181 -34.08 15.05 23.65
C GLY A 181 -35.12 14.85 22.58
N SER A 182 -35.39 15.89 21.79
CA SER A 182 -36.40 15.81 20.75
C SER A 182 -35.95 15.25 19.40
N VAL A 183 -34.64 15.10 19.20
CA VAL A 183 -34.15 14.58 17.93
C VAL A 183 -34.79 13.26 17.50
N PRO A 184 -34.89 12.27 18.41
CA PRO A 184 -35.50 11.01 18.00
C PRO A 184 -36.86 11.19 17.30
N ASP A 185 -37.70 12.08 17.83
CA ASP A 185 -39.02 12.31 17.24
C ASP A 185 -38.98 12.74 15.79
N VAL A 186 -38.02 13.59 15.42
CA VAL A 186 -37.95 14.06 14.04
C VAL A 186 -37.07 13.24 13.11
N ALA A 187 -36.37 12.25 13.68
CA ALA A 187 -35.52 11.36 12.88
C ALA A 187 -36.48 10.44 12.14
N ASP A 188 -36.04 9.82 11.04
CA ASP A 188 -36.92 8.92 10.30
C ASP A 188 -37.28 7.68 11.11
N VAL A 189 -36.34 7.22 11.92
CA VAL A 189 -36.57 6.04 12.72
C VAL A 189 -35.65 6.08 13.92
N VAL A 190 -36.05 5.41 15.00
CA VAL A 190 -35.23 5.36 16.20
C VAL A 190 -34.85 3.90 16.40
N ILE A 191 -33.56 3.65 16.60
CA ILE A 191 -33.08 2.29 16.83
C ILE A 191 -32.30 2.26 18.14
N SER A 192 -32.61 1.28 18.98
CA SER A 192 -31.94 1.17 20.27
C SER A 192 -30.48 0.71 20.17
N ASP A 193 -30.24 -0.40 19.46
CA ASP A 193 -28.87 -0.90 19.32
C ASP A 193 -28.07 -0.13 18.25
N PRO A 194 -26.94 0.46 18.64
CA PRO A 194 -26.12 1.22 17.68
C PRO A 194 -25.58 0.40 16.49
N VAL A 195 -25.14 -0.84 16.73
CA VAL A 195 -24.63 -1.67 15.65
C VAL A 195 -25.76 -1.96 14.65
N MET A 196 -26.96 -2.28 15.15
CA MET A 196 -28.07 -2.52 14.23
C MET A 196 -28.41 -1.24 13.47
N ALA A 197 -28.35 -0.10 14.15
CA ALA A 197 -28.63 1.19 13.50
C ALA A 197 -27.67 1.38 12.31
N GLY A 198 -26.41 1.03 12.50
CA GLY A 198 -25.45 1.16 11.43
C GLY A 198 -25.76 0.22 10.28
N THR A 199 -26.09 -1.02 10.58
CA THR A 199 -26.40 -1.98 9.51
C THR A 199 -27.64 -1.55 8.73
N LEU A 200 -28.63 -0.99 9.41
CA LEU A 200 -29.86 -0.56 8.73
C LEU A 200 -29.64 0.64 7.80
N ALA A 201 -28.78 1.57 8.19
CA ALA A 201 -28.50 2.74 7.34
C ALA A 201 -27.97 2.26 5.99
N VAL A 202 -27.08 1.27 6.03
CA VAL A 202 -26.50 0.71 4.82
C VAL A 202 -27.56 -0.06 4.05
N MET A 203 -28.37 -0.84 4.76
CA MET A 203 -29.42 -1.61 4.12
C MET A 203 -30.39 -0.68 3.41
N HIS A 204 -30.71 0.46 4.02
CA HIS A 204 -31.65 1.37 3.37
C HIS A 204 -31.11 1.96 2.06
N ILE A 205 -29.85 2.35 2.08
CA ILE A 205 -29.16 2.92 0.92
C ILE A 205 -28.96 1.89 -0.20
N SER A 206 -28.51 0.70 0.18
CA SER A 206 -28.24 -0.38 -0.77
C SER A 206 -29.39 -0.78 -1.67
N GLU A 207 -29.13 -0.82 -2.98
CA GLU A 207 -30.15 -1.23 -3.94
C GLU A 207 -30.32 -2.74 -3.85
N LYS A 208 -29.35 -3.40 -3.24
CA LYS A 208 -29.37 -4.86 -3.12
C LYS A 208 -30.24 -5.38 -1.98
N ALA A 209 -30.43 -4.58 -0.93
CA ALA A 209 -31.25 -5.01 0.20
C ALA A 209 -32.71 -4.57 0.00
N LYS A 210 -33.66 -5.39 0.44
CA LYS A 210 -35.08 -5.05 0.27
C LYS A 210 -35.56 -4.04 1.33
N PHE A 211 -34.81 -3.94 2.43
CA PHE A 211 -35.15 -3.01 3.49
C PHE A 211 -35.21 -1.55 3.04
N ASP A 212 -36.25 -0.84 3.49
CA ASP A 212 -36.40 0.58 3.16
C ASP A 212 -37.09 1.22 4.35
N LEU A 213 -36.58 2.38 4.78
CA LEU A 213 -37.14 3.08 5.93
C LEU A 213 -38.64 3.34 5.77
N ASP A 214 -39.06 3.63 4.55
CA ASP A 214 -40.46 3.94 4.29
C ASP A 214 -41.39 2.74 4.24
N ARG A 215 -40.82 1.52 4.20
CA ARG A 215 -41.65 0.32 4.15
C ARG A 215 -41.90 -0.25 5.53
N VAL A 216 -41.29 0.33 6.55
CA VAL A 216 -41.47 -0.19 7.90
C VAL A 216 -42.14 0.78 8.86
N LYS A 217 -43.08 1.58 8.35
CA LYS A 217 -43.79 2.52 9.20
C LYS A 217 -44.98 1.84 9.86
N GLY A 218 -45.49 2.46 10.92
CA GLY A 218 -46.65 1.91 11.62
C GLY A 218 -46.44 0.59 12.32
N ARG A 219 -45.24 0.34 12.81
CA ARG A 219 -44.95 -0.90 13.51
C ARG A 219 -45.55 -0.91 14.92
N GLY B 1 28.11 -48.05 -14.30
CA GLY B 1 27.99 -47.40 -12.97
C GLY B 1 26.77 -46.51 -12.89
N HIS B 2 26.52 -45.98 -11.71
CA HIS B 2 25.38 -45.10 -11.48
C HIS B 2 25.58 -43.76 -12.17
N MET B 3 24.53 -43.20 -12.75
CA MET B 3 24.69 -41.89 -13.36
C MET B 3 24.05 -40.89 -12.42
N LEU B 4 24.63 -39.69 -12.35
CA LEU B 4 24.14 -38.64 -11.48
C LEU B 4 23.17 -37.81 -12.30
N ARG B 5 21.96 -37.61 -11.78
CA ARG B 5 20.95 -36.85 -12.50
C ARG B 5 20.34 -35.76 -11.64
N GLY B 6 20.26 -34.55 -12.21
CA GLY B 6 19.71 -33.42 -11.51
C GLY B 6 18.20 -33.32 -11.71
N LEU B 7 17.51 -32.92 -10.65
CA LEU B 7 16.06 -32.80 -10.69
C LEU B 7 15.62 -31.49 -10.02
N ARG B 8 14.97 -30.62 -10.79
CA ARG B 8 14.48 -29.34 -10.29
C ARG B 8 12.98 -29.43 -10.12
N ILE B 9 12.49 -29.00 -8.95
CA ILE B 9 11.07 -29.03 -8.64
C ILE B 9 10.60 -27.72 -8.00
N ILE B 10 9.40 -27.29 -8.38
CA ILE B 10 8.80 -26.12 -7.78
C ILE B 10 7.51 -26.71 -7.24
N ALA B 11 7.28 -26.53 -5.95
CA ALA B 11 6.10 -27.08 -5.34
C ALA B 11 5.53 -26.15 -4.30
N GLU B 12 4.25 -26.36 -3.98
CA GLU B 12 3.61 -25.58 -2.94
C GLU B 12 4.37 -26.04 -1.72
N ASN B 13 4.74 -25.08 -0.87
CA ASN B 13 5.50 -25.38 0.34
C ASN B 13 4.66 -26.06 1.43
N LYS B 14 4.02 -27.17 1.09
CA LYS B 14 3.20 -27.90 2.06
C LYS B 14 4.08 -28.51 3.15
N ILE B 15 3.50 -28.80 4.31
CA ILE B 15 4.27 -29.41 5.40
C ILE B 15 4.72 -30.82 5.01
N GLY B 16 6.02 -31.09 5.13
CA GLY B 16 6.53 -32.40 4.81
C GLY B 16 6.79 -32.74 3.35
N VAL B 17 6.89 -31.75 2.47
CA VAL B 17 7.16 -32.03 1.05
C VAL B 17 8.54 -32.67 0.87
N LEU B 18 9.56 -32.08 1.48
CA LEU B 18 10.91 -32.62 1.37
C LEU B 18 10.95 -34.03 1.94
N ARG B 19 10.22 -34.24 3.03
CA ARG B 19 10.16 -35.55 3.66
C ARG B 19 9.55 -36.58 2.69
N ASP B 20 8.46 -36.21 2.04
CA ASP B 20 7.80 -37.12 1.11
C ASP B 20 8.65 -37.44 -0.10
N LEU B 21 9.34 -36.43 -0.59
CA LEU B 21 10.19 -36.60 -1.77
C LEU B 21 11.42 -37.47 -1.50
N THR B 22 12.07 -37.29 -0.37
CA THR B 22 13.24 -38.10 -0.06
C THR B 22 12.83 -39.55 0.21
N THR B 23 11.62 -39.76 0.72
CA THR B 23 11.11 -41.10 1.00
C THR B 23 11.02 -41.85 -0.31
N ILE B 24 10.42 -41.19 -1.29
CA ILE B 24 10.25 -41.76 -2.62
C ILE B 24 11.62 -42.06 -3.25
N ILE B 25 12.52 -41.08 -3.19
CA ILE B 25 13.85 -41.24 -3.77
C ILE B 25 14.56 -42.44 -3.14
N ALA B 26 14.42 -42.60 -1.83
CA ALA B 26 15.06 -43.71 -1.13
C ALA B 26 14.42 -45.05 -1.54
N GLU B 27 13.09 -45.08 -1.64
CA GLU B 27 12.41 -46.32 -2.00
C GLU B 27 12.73 -46.82 -3.40
N GLU B 28 13.06 -45.92 -4.31
CA GLU B 28 13.37 -46.30 -5.69
C GLU B 28 14.86 -46.56 -5.95
N GLY B 29 15.63 -46.73 -4.88
CA GLY B 29 17.04 -47.01 -5.00
C GLY B 29 17.93 -45.82 -5.30
N GLY B 30 17.36 -44.62 -5.17
CA GLY B 30 18.13 -43.41 -5.44
C GLY B 30 19.06 -43.03 -4.31
N ASN B 31 20.18 -42.41 -4.68
CA ASN B 31 21.16 -41.98 -3.70
C ASN B 31 21.38 -40.48 -3.85
N ILE B 32 20.92 -39.73 -2.86
CA ILE B 32 21.08 -38.28 -2.89
C ILE B 32 22.52 -37.87 -2.63
N THR B 33 23.13 -37.17 -3.57
CA THR B 33 24.49 -36.70 -3.39
C THR B 33 24.41 -35.21 -3.04
N PHE B 34 23.32 -34.59 -3.47
CA PHE B 34 23.08 -33.17 -3.20
C PHE B 34 21.58 -32.92 -3.13
N ALA B 35 21.18 -32.07 -2.18
CA ALA B 35 19.79 -31.70 -2.01
C ALA B 35 19.75 -30.26 -1.53
N GLN B 36 18.77 -29.50 -2.01
CA GLN B 36 18.61 -28.12 -1.60
C GLN B 36 17.18 -27.66 -1.82
N THR B 37 16.65 -26.91 -0.86
CA THR B 37 15.32 -26.36 -1.00
C THR B 37 15.35 -24.99 -0.37
N PHE B 38 14.68 -24.04 -1.01
CA PHE B 38 14.58 -22.70 -0.46
C PHE B 38 13.23 -22.17 -0.91
N LEU B 39 12.78 -21.10 -0.27
CA LEU B 39 11.49 -20.50 -0.59
C LEU B 39 11.69 -19.36 -1.58
N ILE B 40 10.88 -19.38 -2.62
CA ILE B 40 10.93 -18.38 -3.68
C ILE B 40 10.35 -17.06 -3.16
N LYS B 41 11.18 -16.02 -3.12
CA LYS B 41 10.77 -14.71 -2.61
C LYS B 41 10.22 -13.71 -3.60
N HIS B 42 10.32 -13.98 -4.89
CA HIS B 42 9.81 -13.04 -5.88
C HIS B 42 9.24 -13.78 -7.08
N GLY B 43 8.73 -12.99 -8.01
CA GLY B 43 8.22 -13.57 -9.24
C GLY B 43 6.94 -14.36 -9.21
N GLU B 44 6.70 -15.05 -10.32
CA GLU B 44 5.52 -15.86 -10.53
C GLU B 44 5.28 -16.98 -9.55
N HIS B 45 6.34 -17.49 -8.94
CA HIS B 45 6.18 -18.58 -7.99
C HIS B 45 6.45 -18.18 -6.56
N GLU B 46 6.44 -16.88 -6.31
CA GLU B 46 6.68 -16.37 -4.97
C GLU B 46 5.75 -17.10 -4.00
N GLY B 47 6.32 -17.54 -2.88
CA GLY B 47 5.53 -18.27 -1.90
C GLY B 47 5.71 -19.77 -2.02
N LYS B 48 6.10 -20.25 -3.21
CA LYS B 48 6.29 -21.68 -3.41
C LYS B 48 7.72 -22.07 -3.01
N ALA B 49 8.05 -23.35 -3.15
CA ALA B 49 9.39 -23.81 -2.79
C ALA B 49 10.15 -24.36 -3.98
N LEU B 50 11.42 -24.02 -4.05
CA LEU B 50 12.31 -24.50 -5.10
C LEU B 50 13.02 -25.69 -4.46
N ILE B 51 12.80 -26.87 -5.01
CA ILE B 51 13.38 -28.09 -4.50
C ILE B 51 14.31 -28.65 -5.56
N TYR B 52 15.55 -28.96 -5.16
CA TYR B 52 16.53 -29.49 -6.12
C TYR B 52 17.33 -30.68 -5.57
N PHE B 53 17.49 -31.70 -6.41
CA PHE B 53 18.21 -32.90 -6.03
C PHE B 53 19.18 -33.32 -7.11
N GLU B 54 20.26 -33.93 -6.67
CA GLU B 54 21.23 -34.53 -7.56
C GLU B 54 21.22 -35.94 -7.00
N ILE B 55 20.66 -36.86 -7.79
CA ILE B 55 20.48 -38.25 -7.41
C ILE B 55 21.40 -39.22 -8.16
N GLU B 56 22.19 -39.96 -7.42
CA GLU B 56 23.11 -40.94 -8.01
C GLU B 56 22.45 -42.31 -7.99
N GLY B 57 22.25 -42.89 -9.18
CA GLY B 57 21.65 -44.19 -9.27
C GLY B 57 20.16 -44.16 -8.98
N GLY B 58 19.53 -45.33 -8.92
CA GLY B 58 18.11 -45.38 -8.65
C GLY B 58 17.23 -45.40 -9.89
N ASP B 59 15.99 -45.80 -9.72
CA ASP B 59 15.04 -45.83 -10.82
C ASP B 59 14.52 -44.41 -11.03
N PHE B 60 15.29 -43.59 -11.74
CA PHE B 60 14.94 -42.19 -11.96
C PHE B 60 13.56 -41.99 -12.58
N GLU B 61 13.23 -42.75 -13.62
CA GLU B 61 11.93 -42.61 -14.25
C GLU B 61 10.78 -42.88 -13.29
N LYS B 62 10.95 -43.86 -12.41
CA LYS B 62 9.89 -44.18 -11.46
C LYS B 62 9.75 -43.05 -10.44
N ILE B 63 10.86 -42.44 -10.07
CA ILE B 63 10.83 -41.34 -9.12
C ILE B 63 10.00 -40.21 -9.74
N LEU B 64 10.31 -39.84 -10.98
CA LEU B 64 9.60 -38.78 -11.69
C LEU B 64 8.10 -39.06 -11.74
N GLU B 65 7.77 -40.30 -12.07
CA GLU B 65 6.38 -40.71 -12.17
C GLU B 65 5.66 -40.57 -10.85
N ARG B 66 6.24 -41.10 -9.78
CA ARG B 66 5.62 -41.04 -8.46
C ARG B 66 5.47 -39.63 -7.94
N VAL B 67 6.50 -38.82 -8.14
CA VAL B 67 6.47 -37.44 -7.67
C VAL B 67 5.36 -36.65 -8.37
N LYS B 68 5.18 -36.91 -9.67
CA LYS B 68 4.17 -36.22 -10.45
C LYS B 68 2.75 -36.49 -9.98
N THR B 69 2.55 -37.52 -9.13
CA THR B 69 1.21 -37.83 -8.64
C THR B 69 0.75 -36.90 -7.52
N PHE B 70 1.68 -36.07 -7.03
CA PHE B 70 1.38 -35.13 -5.96
C PHE B 70 0.90 -33.81 -6.55
N ASP B 71 -0.30 -33.38 -6.13
CA ASP B 71 -0.86 -32.15 -6.64
C ASP B 71 -0.11 -30.87 -6.24
N TYR B 72 0.75 -30.94 -5.23
CA TYR B 72 1.50 -29.75 -4.84
C TYR B 72 2.71 -29.48 -5.76
N ILE B 73 3.01 -30.42 -6.66
CA ILE B 73 4.11 -30.27 -7.59
C ILE B 73 3.69 -29.34 -8.72
N ILE B 74 4.33 -28.18 -8.82
CA ILE B 74 3.97 -27.21 -9.85
C ILE B 74 4.79 -27.45 -11.11
N GLU B 75 6.11 -27.56 -10.94
CA GLU B 75 7.04 -27.80 -12.04
C GLU B 75 8.01 -28.89 -11.64
N ILE B 76 8.48 -29.64 -12.64
CA ILE B 76 9.44 -30.71 -12.43
C ILE B 76 10.21 -30.87 -13.72
N GLU B 77 11.53 -30.82 -13.65
CA GLU B 77 12.36 -30.92 -14.84
C GLU B 77 13.76 -31.39 -14.50
N GLU B 78 14.32 -32.26 -15.34
CA GLU B 78 15.67 -32.73 -15.11
C GLU B 78 16.63 -31.59 -15.47
N GLU B 79 17.73 -31.47 -14.74
CA GLU B 79 18.69 -30.39 -14.98
C GLU B 79 20.14 -30.83 -14.85
N GLU B 80 21.05 -30.00 -15.36
CA GLU B 80 22.47 -30.26 -15.27
C GLU B 80 22.93 -29.98 -13.84
N SER B 81 23.85 -30.78 -13.33
CA SER B 81 24.32 -30.60 -11.97
C SER B 81 24.94 -29.22 -11.73
N PHE B 82 25.03 -28.84 -10.46
CA PHE B 82 25.63 -27.57 -10.09
C PHE B 82 27.11 -27.50 -10.44
N GLU B 83 27.81 -28.62 -10.30
CA GLU B 83 29.23 -28.64 -10.62
C GLU B 83 29.47 -28.56 -12.12
N ARG B 84 28.54 -29.10 -12.91
CA ARG B 84 28.63 -29.07 -14.37
C ARG B 84 28.42 -27.64 -14.88
N VAL B 85 27.56 -26.89 -14.20
CA VAL B 85 27.27 -25.53 -14.61
C VAL B 85 28.14 -24.50 -13.91
N PHE B 86 28.15 -24.52 -12.58
CA PHE B 86 28.92 -23.53 -11.82
C PHE B 86 30.29 -23.96 -11.29
N GLY B 87 30.63 -25.23 -11.52
CA GLY B 87 31.92 -25.78 -11.12
C GLY B 87 32.31 -25.73 -9.65
N LYS B 88 33.63 -25.86 -9.43
CA LYS B 88 34.19 -25.81 -8.10
C LYS B 88 34.43 -24.33 -7.83
N ARG B 89 34.36 -23.92 -6.57
CA ARG B 89 34.47 -22.50 -6.25
C ARG B 89 35.67 -22.01 -5.46
N VAL B 90 36.12 -20.82 -5.84
CA VAL B 90 37.19 -20.16 -5.10
C VAL B 90 36.43 -19.13 -4.27
N ILE B 91 36.68 -19.08 -2.98
CA ILE B 91 36.01 -18.12 -2.11
C ILE B 91 37.03 -17.06 -1.71
N ILE B 92 36.66 -15.79 -1.78
CA ILE B 92 37.58 -14.71 -1.42
C ILE B 92 36.92 -13.85 -0.37
N LEU B 93 37.59 -13.63 0.75
CA LEU B 93 37.02 -12.80 1.83
C LEU B 93 38.04 -11.77 2.33
N GLY B 94 37.54 -10.61 2.77
CA GLY B 94 38.42 -9.58 3.29
C GLY B 94 37.98 -8.16 2.96
N GLY B 95 38.95 -7.24 2.91
CA GLY B 95 38.64 -5.87 2.58
C GLY B 95 38.35 -5.77 1.09
N GLY B 96 37.41 -4.90 0.72
CA GLY B 96 37.04 -4.77 -0.67
C GLY B 96 38.14 -4.69 -1.72
N ALA B 97 39.05 -3.73 -1.57
CA ALA B 97 40.12 -3.54 -2.54
C ALA B 97 40.93 -4.79 -2.83
N LEU B 98 41.47 -5.40 -1.78
CA LEU B 98 42.29 -6.58 -1.96
C LEU B 98 41.47 -7.77 -2.44
N VAL B 99 40.22 -7.85 -1.99
CA VAL B 99 39.33 -8.93 -2.41
C VAL B 99 39.17 -8.78 -3.92
N SER B 100 38.96 -7.55 -4.37
CA SER B 100 38.82 -7.26 -5.79
C SER B 100 40.08 -7.58 -6.57
N GLN B 101 41.24 -7.30 -6.01
CA GLN B 101 42.49 -7.60 -6.70
C GLN B 101 42.64 -9.10 -6.89
N VAL B 102 42.27 -9.86 -5.86
CA VAL B 102 42.37 -11.31 -5.96
C VAL B 102 41.38 -11.80 -7.00
N ALA B 103 40.19 -11.22 -7.02
CA ALA B 103 39.13 -11.59 -7.95
C ALA B 103 39.57 -11.44 -9.41
N ILE B 104 40.30 -10.38 -9.69
CA ILE B 104 40.81 -10.12 -11.05
C ILE B 104 41.66 -11.28 -11.55
N GLY B 105 42.58 -11.74 -10.70
CA GLY B 105 43.43 -12.84 -11.07
C GLY B 105 42.64 -14.13 -11.22
N ALA B 106 41.75 -14.39 -10.27
CA ALA B 106 40.96 -15.62 -10.29
C ALA B 106 39.98 -15.67 -11.46
N ILE B 107 39.27 -14.59 -11.70
CA ILE B 107 38.33 -14.55 -12.80
C ILE B 107 39.04 -14.73 -14.13
N SER B 108 40.21 -14.11 -14.27
CA SER B 108 41.00 -14.24 -15.48
C SER B 108 41.45 -15.68 -15.72
N GLU B 109 42.02 -16.30 -14.70
CA GLU B 109 42.49 -17.67 -14.80
C GLU B 109 41.32 -18.62 -15.02
N ALA B 110 40.21 -18.37 -14.34
CA ALA B 110 39.03 -19.21 -14.49
C ALA B 110 38.44 -19.11 -15.91
N ASP B 111 38.53 -17.92 -16.50
CA ASP B 111 38.00 -17.69 -17.83
C ASP B 111 38.69 -18.57 -18.87
N ARG B 112 40.00 -18.79 -18.69
CA ARG B 112 40.72 -19.61 -19.64
C ARG B 112 40.42 -21.09 -19.39
N HIS B 113 40.36 -21.49 -18.12
CA HIS B 113 40.08 -22.88 -17.78
C HIS B 113 38.64 -23.31 -18.11
N ASN B 114 37.69 -22.39 -17.98
CA ASN B 114 36.29 -22.72 -18.25
C ASN B 114 35.96 -22.91 -19.71
N LEU B 115 36.82 -22.42 -20.59
CA LEU B 115 36.56 -22.54 -22.03
C LEU B 115 36.15 -23.96 -22.39
N ARG B 116 37.00 -24.93 -22.11
CA ARG B 116 36.69 -26.31 -22.44
C ARG B 116 36.95 -27.22 -21.25
N GLY B 117 35.89 -27.87 -20.77
CA GLY B 117 36.05 -28.78 -19.66
C GLY B 117 35.28 -28.39 -18.41
N GLU B 118 35.80 -28.78 -17.26
CA GLU B 118 35.14 -28.49 -16.00
C GLU B 118 35.06 -26.97 -15.79
N ARG B 119 34.24 -26.57 -14.82
CA ARG B 119 34.03 -25.15 -14.54
C ARG B 119 34.59 -24.77 -13.18
N ILE B 120 34.92 -23.49 -13.04
CA ILE B 120 35.41 -22.92 -11.79
C ILE B 120 34.81 -21.52 -11.68
N SER B 121 34.24 -21.20 -10.51
CA SER B 121 33.68 -19.88 -10.32
C SER B 121 34.39 -19.19 -9.16
N VAL B 122 34.23 -17.88 -9.08
CA VAL B 122 34.89 -17.09 -8.06
C VAL B 122 33.85 -16.32 -7.27
N ASP B 123 33.69 -16.68 -6.01
CA ASP B 123 32.70 -16.04 -5.17
C ASP B 123 33.36 -15.21 -4.10
N THR B 124 32.81 -14.04 -3.86
CA THR B 124 33.44 -13.12 -2.93
C THR B 124 32.50 -12.41 -1.99
N MET B 125 33.07 -11.90 -0.90
CA MET B 125 32.31 -11.10 0.05
C MET B 125 33.25 -10.23 0.85
N PRO B 126 33.08 -8.91 0.75
CA PRO B 126 33.92 -7.98 1.50
C PRO B 126 33.38 -7.98 2.93
N VAL B 127 34.25 -8.24 3.90
CA VAL B 127 33.87 -8.29 5.32
C VAL B 127 35.09 -7.96 6.16
N VAL B 128 34.91 -7.12 7.16
CA VAL B 128 36.02 -6.75 8.04
C VAL B 128 35.60 -6.92 9.50
N GLY B 129 36.59 -6.97 10.39
CA GLY B 129 36.30 -7.17 11.81
C GLY B 129 36.70 -8.60 12.14
N GLU B 130 37.44 -8.77 13.24
CA GLU B 130 37.91 -10.10 13.61
C GLU B 130 36.84 -11.17 13.73
N GLU B 131 35.80 -10.92 14.50
CA GLU B 131 34.74 -11.92 14.65
C GLU B 131 33.91 -12.08 13.39
N GLU B 132 33.65 -10.97 12.69
CA GLU B 132 32.86 -11.03 11.46
C GLU B 132 33.57 -11.92 10.44
N ILE B 133 34.86 -11.68 10.25
CA ILE B 133 35.66 -12.47 9.32
C ILE B 133 35.78 -13.93 9.79
N ALA B 134 36.08 -14.12 11.07
CA ALA B 134 36.23 -15.46 11.61
C ALA B 134 34.96 -16.27 11.35
N GLU B 135 33.81 -15.64 11.56
CA GLU B 135 32.55 -16.32 11.35
C GLU B 135 32.36 -16.70 9.87
N ALA B 136 32.77 -15.83 8.98
CA ALA B 136 32.64 -16.06 7.54
C ALA B 136 33.57 -17.19 7.12
N VAL B 137 34.78 -17.18 7.67
CA VAL B 137 35.76 -18.21 7.37
C VAL B 137 35.21 -19.56 7.81
N LYS B 138 34.69 -19.61 9.03
CA LYS B 138 34.12 -20.84 9.58
C LYS B 138 33.02 -21.39 8.66
N ALA B 139 32.16 -20.48 8.20
CA ALA B 139 31.04 -20.82 7.34
C ALA B 139 31.41 -21.33 5.96
N VAL B 140 32.69 -21.20 5.58
CA VAL B 140 33.11 -21.69 4.27
C VAL B 140 33.00 -23.21 4.22
N SER B 141 33.08 -23.85 5.39
CA SER B 141 32.99 -25.29 5.46
C SER B 141 31.60 -25.84 5.13
N ARG B 142 30.60 -24.96 4.97
CA ARG B 142 29.28 -25.43 4.61
C ARG B 142 28.86 -24.92 3.24
N LEU B 143 29.85 -24.49 2.46
CA LEU B 143 29.60 -24.01 1.10
C LEU B 143 29.81 -25.15 0.12
N HIS B 144 28.74 -25.52 -0.57
CA HIS B 144 28.78 -26.59 -1.56
C HIS B 144 29.80 -26.22 -2.63
N ARG B 145 30.66 -27.17 -2.99
CA ARG B 145 31.68 -26.99 -4.03
C ARG B 145 32.86 -26.04 -3.75
N ALA B 146 32.95 -25.51 -2.53
CA ALA B 146 34.07 -24.62 -2.18
C ALA B 146 35.33 -25.47 -2.01
N GLU B 147 36.44 -25.02 -2.58
CA GLU B 147 37.69 -25.78 -2.46
C GLU B 147 38.88 -24.95 -1.99
N VAL B 148 38.87 -23.66 -2.27
CA VAL B 148 39.99 -22.80 -1.86
C VAL B 148 39.49 -21.47 -1.31
N LEU B 149 40.10 -21.01 -0.22
CA LEU B 149 39.75 -19.73 0.38
C LEU B 149 40.96 -18.85 0.30
N VAL B 150 40.76 -17.62 -0.15
CA VAL B 150 41.85 -16.66 -0.21
C VAL B 150 41.44 -15.56 0.77
N LEU B 151 42.29 -15.29 1.76
CA LEU B 151 42.01 -14.23 2.72
C LEU B 151 42.80 -13.01 2.26
N ALA B 152 42.11 -11.90 2.02
CA ALA B 152 42.75 -10.69 1.52
C ALA B 152 42.51 -9.46 2.39
N GLY B 153 43.54 -9.08 3.15
CA GLY B 153 43.43 -7.92 4.02
C GLY B 153 44.82 -7.51 4.41
N GLY B 154 44.94 -6.42 5.16
CA GLY B 154 46.25 -5.96 5.58
C GLY B 154 46.72 -6.57 6.88
N ILE B 155 45.76 -6.98 7.72
CA ILE B 155 46.07 -7.58 9.02
C ILE B 155 44.93 -8.48 9.53
N MET B 156 45.27 -9.72 9.87
CA MET B 156 44.28 -10.69 10.37
C MET B 156 44.95 -11.63 11.39
N GLY B 157 44.23 -11.91 12.46
CA GLY B 157 44.74 -12.81 13.48
C GLY B 157 43.65 -13.15 14.48
N GLY B 158 44.03 -13.50 15.70
CA GLY B 158 43.05 -13.82 16.72
C GLY B 158 42.12 -14.95 16.31
N LYS B 159 40.81 -14.71 16.44
CA LYS B 159 39.80 -15.70 16.10
C LYS B 159 39.85 -16.20 14.66
N ILE B 160 40.25 -15.33 13.73
CA ILE B 160 40.33 -15.70 12.31
C ILE B 160 41.34 -16.83 12.14
N THR B 161 42.48 -16.68 12.79
CA THR B 161 43.56 -17.66 12.75
C THR B 161 43.06 -19.03 13.21
N GLU B 162 42.24 -19.03 14.27
CA GLU B 162 41.69 -20.26 14.80
C GLU B 162 40.74 -20.93 13.81
N GLU B 163 39.88 -20.13 13.19
CA GLU B 163 38.93 -20.70 12.24
C GLU B 163 39.64 -21.20 10.99
N VAL B 164 40.77 -20.56 10.65
CA VAL B 164 41.52 -21.00 9.47
C VAL B 164 42.07 -22.41 9.72
N LYS B 165 42.58 -22.63 10.92
CA LYS B 165 43.13 -23.93 11.29
C LYS B 165 42.04 -24.99 11.26
N LYS B 166 40.87 -24.63 11.77
CA LYS B 166 39.73 -25.54 11.80
C LYS B 166 39.23 -25.78 10.37
N LEU B 167 39.14 -24.70 9.59
CA LEU B 167 38.69 -24.83 8.22
C LEU B 167 39.61 -25.76 7.43
N ARG B 168 40.92 -25.64 7.64
CA ARG B 168 41.87 -26.48 6.93
C ARG B 168 41.70 -27.97 7.23
N LYS B 169 41.22 -28.29 8.43
CA LYS B 169 41.02 -29.69 8.79
C LYS B 169 39.89 -30.26 7.95
N SER B 170 39.07 -29.39 7.41
CA SER B 170 37.94 -29.83 6.60
C SER B 170 38.37 -30.13 5.17
N GLY B 171 39.61 -29.78 4.84
CA GLY B 171 40.08 -30.04 3.50
C GLY B 171 40.14 -28.82 2.59
N ILE B 172 39.66 -27.68 3.06
CA ILE B 172 39.71 -26.47 2.25
C ILE B 172 41.12 -25.92 2.33
N ARG B 173 41.69 -25.57 1.19
CA ARG B 173 43.03 -24.99 1.15
C ARG B 173 42.86 -23.50 1.35
N VAL B 174 43.77 -22.90 2.13
CA VAL B 174 43.67 -21.49 2.39
C VAL B 174 44.90 -20.73 1.96
N ILE B 175 44.67 -19.67 1.17
CA ILE B 175 45.73 -18.81 0.70
C ILE B 175 45.59 -17.45 1.40
N SER B 176 46.70 -16.98 1.95
CA SER B 176 46.73 -15.69 2.62
C SER B 176 47.66 -14.73 1.87
N LEU B 177 47.29 -13.45 1.82
CA LEU B 177 48.16 -12.47 1.19
C LEU B 177 49.22 -12.20 2.26
N SER B 178 50.30 -11.54 1.90
CA SER B 178 51.34 -11.25 2.87
C SER B 178 50.84 -10.09 3.71
N MET B 179 50.18 -10.39 4.82
CA MET B 179 49.63 -9.36 5.69
C MET B 179 50.26 -9.42 7.06
N PHE B 180 49.78 -8.57 7.95
CA PHE B 180 50.23 -8.55 9.33
C PHE B 180 49.31 -9.50 10.07
N GLY B 181 49.72 -9.96 11.25
CA GLY B 181 48.88 -10.86 12.00
C GLY B 181 49.31 -12.32 11.87
N SER B 182 48.67 -13.18 12.64
CA SER B 182 49.01 -14.60 12.63
C SER B 182 48.37 -15.43 11.53
N VAL B 183 47.43 -14.85 10.77
CA VAL B 183 46.77 -15.61 9.71
C VAL B 183 47.75 -16.21 8.70
N PRO B 184 48.74 -15.43 8.23
CA PRO B 184 49.69 -15.98 7.27
C PRO B 184 50.42 -17.22 7.82
N ASP B 185 50.62 -17.27 9.14
CA ASP B 185 51.31 -18.39 9.77
C ASP B 185 50.58 -19.72 9.72
N VAL B 186 49.24 -19.66 9.64
CA VAL B 186 48.43 -20.89 9.58
C VAL B 186 47.83 -21.17 8.21
N ALA B 187 48.16 -20.35 7.22
CA ALA B 187 47.65 -20.54 5.86
C ALA B 187 48.49 -21.61 5.17
N ASP B 188 47.92 -22.24 4.14
CA ASP B 188 48.66 -23.25 3.41
C ASP B 188 49.79 -22.60 2.61
N VAL B 189 49.51 -21.45 2.02
CA VAL B 189 50.48 -20.73 1.22
C VAL B 189 50.30 -19.24 1.43
N VAL B 190 51.38 -18.48 1.40
CA VAL B 190 51.29 -17.02 1.55
C VAL B 190 51.80 -16.38 0.26
N ILE B 191 50.93 -15.62 -0.41
CA ILE B 191 51.31 -14.95 -1.67
C ILE B 191 51.26 -13.45 -1.52
N SER B 192 52.31 -12.77 -1.99
CA SER B 192 52.37 -11.33 -1.89
C SER B 192 51.44 -10.59 -2.85
N ASP B 193 51.51 -10.92 -4.13
CA ASP B 193 50.65 -10.26 -5.10
C ASP B 193 49.24 -10.85 -5.06
N PRO B 194 48.24 -10.00 -4.82
CA PRO B 194 46.86 -10.47 -4.76
C PRO B 194 46.35 -11.02 -6.09
N VAL B 195 46.77 -10.41 -7.20
CA VAL B 195 46.32 -10.90 -8.50
C VAL B 195 46.91 -12.28 -8.74
N MET B 196 48.19 -12.49 -8.39
CA MET B 196 48.80 -13.81 -8.56
C MET B 196 48.11 -14.81 -7.64
N ALA B 197 47.83 -14.40 -6.41
CA ALA B 197 47.16 -15.28 -5.46
C ALA B 197 45.84 -15.82 -6.04
N GLY B 198 45.11 -14.97 -6.76
CA GLY B 198 43.86 -15.38 -7.36
C GLY B 198 44.08 -16.40 -8.46
N THR B 199 45.13 -16.22 -9.26
CA THR B 199 45.40 -17.15 -10.34
C THR B 199 45.80 -18.52 -9.79
N LEU B 200 46.65 -18.53 -8.77
CA LEU B 200 47.11 -19.79 -8.16
C LEU B 200 45.95 -20.56 -7.49
N ALA B 201 45.02 -19.83 -6.91
CA ALA B 201 43.86 -20.46 -6.27
C ALA B 201 43.13 -21.28 -7.32
N VAL B 202 42.93 -20.69 -8.49
CA VAL B 202 42.26 -21.34 -9.62
C VAL B 202 43.13 -22.46 -10.20
N MET B 203 44.42 -22.18 -10.37
CA MET B 203 45.32 -23.18 -10.90
C MET B 203 45.29 -24.42 -10.00
N HIS B 204 45.18 -24.20 -8.70
CA HIS B 204 45.15 -25.32 -7.77
C HIS B 204 43.93 -26.24 -7.98
N ILE B 205 42.75 -25.64 -8.10
CA ILE B 205 41.52 -26.41 -8.31
C ILE B 205 41.52 -27.10 -9.67
N SER B 206 41.92 -26.35 -10.70
CA SER B 206 41.96 -26.84 -12.07
C SER B 206 42.72 -28.14 -12.25
N GLU B 207 42.09 -29.09 -12.94
CA GLU B 207 42.74 -30.37 -13.20
C GLU B 207 43.49 -30.30 -14.52
N LYS B 208 43.49 -29.11 -15.13
CA LYS B 208 44.18 -28.87 -16.40
C LYS B 208 45.53 -28.20 -16.11
N ALA B 209 45.76 -27.92 -14.83
CA ALA B 209 47.01 -27.29 -14.39
C ALA B 209 47.64 -28.23 -13.37
N LYS B 210 48.95 -28.44 -13.46
CA LYS B 210 49.62 -29.34 -12.52
C LYS B 210 49.84 -28.72 -11.16
N PHE B 211 49.79 -27.39 -11.09
CA PHE B 211 50.01 -26.71 -9.82
C PHE B 211 49.16 -27.27 -8.67
N ASP B 212 49.77 -27.40 -7.50
CA ASP B 212 49.08 -27.91 -6.32
C ASP B 212 49.65 -27.21 -5.08
N LEU B 213 48.78 -26.63 -4.27
CA LEU B 213 49.19 -25.92 -3.06
C LEU B 213 49.91 -26.79 -2.03
N ASP B 214 49.70 -28.10 -2.10
CA ASP B 214 50.34 -29.01 -1.15
C ASP B 214 51.82 -29.19 -1.44
N ARG B 215 52.21 -29.07 -2.70
CA ARG B 215 53.61 -29.20 -3.07
C ARG B 215 54.40 -27.98 -2.62
N VAL B 216 53.73 -26.84 -2.56
CA VAL B 216 54.35 -25.58 -2.15
C VAL B 216 53.93 -25.24 -0.73
N LYS B 217 53.60 -26.28 0.04
CA LYS B 217 53.16 -26.10 1.42
C LYS B 217 54.29 -25.54 2.28
N LEU C 7 -19.45 30.45 -0.44
CA LEU C 7 -20.54 30.93 -1.33
C LEU C 7 -21.33 29.80 -1.99
N ARG C 8 -22.58 29.62 -1.56
CA ARG C 8 -23.46 28.57 -2.07
C ARG C 8 -24.39 29.11 -3.17
N ILE C 9 -24.83 28.22 -4.04
CA ILE C 9 -25.73 28.59 -5.15
C ILE C 9 -26.50 27.36 -5.66
N ILE C 10 -27.77 27.57 -6.00
CA ILE C 10 -28.62 26.50 -6.56
C ILE C 10 -29.22 27.03 -7.85
N ALA C 11 -28.71 26.55 -8.97
CA ALA C 11 -29.19 27.02 -10.27
C ALA C 11 -29.73 25.92 -11.15
N GLU C 12 -30.23 26.31 -12.33
CA GLU C 12 -30.76 25.36 -13.29
C GLU C 12 -29.56 24.71 -13.96
N ASN C 13 -29.55 23.38 -14.01
CA ASN C 13 -28.44 22.66 -14.63
C ASN C 13 -28.43 22.85 -16.14
N LYS C 14 -27.95 24.00 -16.60
CA LYS C 14 -27.87 24.29 -18.02
C LYS C 14 -26.47 23.92 -18.49
N ILE C 15 -26.30 23.76 -19.80
CA ILE C 15 -24.99 23.40 -20.34
C ILE C 15 -24.05 24.59 -20.23
N GLY C 16 -22.88 24.34 -19.63
CA GLY C 16 -21.90 25.41 -19.46
C GLY C 16 -22.47 26.58 -18.68
N VAL C 17 -22.75 26.38 -17.40
CA VAL C 17 -23.28 27.45 -16.55
C VAL C 17 -22.12 27.97 -15.72
N LEU C 18 -21.13 27.11 -15.53
CA LEU C 18 -19.92 27.43 -14.79
C LEU C 18 -19.00 28.24 -15.70
N ARG C 19 -19.19 28.05 -17.01
CA ARG C 19 -18.42 28.75 -18.02
C ARG C 19 -18.75 30.25 -17.95
N ASP C 20 -19.94 30.56 -17.44
CA ASP C 20 -20.40 31.94 -17.29
C ASP C 20 -19.92 32.48 -15.95
N LEU C 21 -20.16 31.70 -14.91
CA LEU C 21 -19.79 32.06 -13.54
C LEU C 21 -18.28 32.26 -13.33
N THR C 22 -17.47 31.37 -13.89
CA THR C 22 -16.02 31.48 -13.75
C THR C 22 -15.48 32.66 -14.58
N THR C 23 -16.24 33.06 -15.60
CA THR C 23 -15.86 34.19 -16.43
C THR C 23 -16.20 35.46 -15.64
N ILE C 24 -17.39 35.45 -15.02
CA ILE C 24 -17.84 36.56 -14.21
C ILE C 24 -16.88 36.76 -13.04
N ILE C 25 -16.32 35.64 -12.56
CA ILE C 25 -15.38 35.66 -11.44
C ILE C 25 -13.97 36.01 -11.96
N ALA C 26 -13.66 35.54 -13.17
CA ALA C 26 -12.37 35.80 -13.80
C ALA C 26 -12.23 37.29 -14.11
N GLU C 27 -13.36 37.99 -14.06
CA GLU C 27 -13.39 39.42 -14.33
C GLU C 27 -13.26 40.29 -13.07
N GLU C 28 -14.05 40.00 -12.03
CA GLU C 28 -14.00 40.78 -10.80
C GLU C 28 -12.89 40.36 -9.86
N ILE C 32 -10.60 31.76 -6.78
CA ILE C 32 -11.29 30.53 -6.37
C ILE C 32 -10.31 29.49 -5.83
N THR C 33 -10.16 29.46 -4.51
CA THR C 33 -9.25 28.49 -3.88
C THR C 33 -9.88 27.10 -4.01
N PHE C 34 -11.11 26.98 -3.53
CA PHE C 34 -11.87 25.73 -3.59
C PHE C 34 -13.14 25.98 -4.40
N ALA C 35 -13.66 24.92 -5.01
CA ALA C 35 -14.88 25.02 -5.81
C ALA C 35 -15.45 23.64 -6.04
N GLN C 36 -16.75 23.49 -5.81
CA GLN C 36 -17.40 22.21 -6.00
C GLN C 36 -18.82 22.35 -6.53
N THR C 37 -19.21 21.42 -7.39
CA THR C 37 -20.55 21.46 -7.94
C THR C 37 -21.04 20.07 -8.34
N PHE C 38 -22.31 19.79 -8.06
CA PHE C 38 -22.90 18.50 -8.40
C PHE C 38 -24.42 18.62 -8.50
N LEU C 39 -25.04 17.60 -9.09
CA LEU C 39 -26.49 17.59 -9.26
C LEU C 39 -27.23 17.03 -8.07
N ILE C 40 -28.25 17.76 -7.63
CA ILE C 40 -29.08 17.33 -6.52
C ILE C 40 -29.93 16.20 -7.09
N LYS C 41 -29.75 14.98 -6.60
CA LYS C 41 -30.50 13.85 -7.14
C LYS C 41 -31.65 13.41 -6.25
N HIS C 42 -32.13 14.32 -5.42
CA HIS C 42 -33.25 14.04 -4.53
C HIS C 42 -33.58 15.27 -3.70
N GLY C 43 -34.74 15.27 -3.08
CA GLY C 43 -35.14 16.41 -2.29
C GLY C 43 -35.88 17.48 -3.08
N GLU C 44 -36.03 18.65 -2.47
CA GLU C 44 -36.73 19.75 -3.11
C GLU C 44 -36.09 20.17 -4.43
N HIS C 45 -34.78 20.37 -4.41
CA HIS C 45 -34.06 20.81 -5.61
C HIS C 45 -33.50 19.69 -6.49
N GLU C 46 -34.20 18.57 -6.54
CA GLU C 46 -33.77 17.44 -7.36
C GLU C 46 -33.64 17.91 -8.80
N GLY C 47 -32.60 17.44 -9.49
CA GLY C 47 -32.40 17.85 -10.86
C GLY C 47 -31.58 19.12 -10.96
N LYS C 48 -31.74 20.02 -9.99
CA LYS C 48 -31.00 21.27 -9.98
C LYS C 48 -29.51 20.98 -9.78
N ALA C 49 -28.69 22.02 -9.83
CA ALA C 49 -27.26 21.87 -9.65
C ALA C 49 -26.82 22.65 -8.43
N LEU C 50 -26.05 22.01 -7.56
CA LEU C 50 -25.55 22.65 -6.35
C LEU C 50 -24.15 23.13 -6.68
N ILE C 51 -23.91 24.42 -6.45
CA ILE C 51 -22.61 25.03 -6.74
C ILE C 51 -22.06 25.77 -5.52
N TYR C 52 -20.80 25.53 -5.20
CA TYR C 52 -20.15 26.17 -4.06
C TYR C 52 -18.72 26.60 -4.35
N PHE C 53 -18.43 27.87 -4.06
CA PHE C 53 -17.10 28.42 -4.29
C PHE C 53 -16.50 28.88 -2.97
N GLU C 54 -15.17 28.88 -2.89
CA GLU C 54 -14.46 29.31 -1.68
C GLU C 54 -13.45 30.41 -2.01
N ILE C 63 -19.32 40.15 -6.26
CA ILE C 63 -19.94 39.74 -7.52
C ILE C 63 -21.36 39.18 -7.31
N LEU C 64 -21.80 39.13 -6.06
CA LEU C 64 -23.15 38.62 -5.75
C LEU C 64 -24.15 39.40 -6.58
N GLU C 65 -23.75 40.62 -6.93
CA GLU C 65 -24.56 41.52 -7.74
C GLU C 65 -24.52 41.05 -9.18
N ARG C 66 -23.33 41.08 -9.77
CA ARG C 66 -23.12 40.66 -11.16
C ARG C 66 -23.81 39.34 -11.49
N VAL C 67 -23.81 38.42 -10.52
CA VAL C 67 -24.40 37.09 -10.71
C VAL C 67 -25.92 37.01 -10.45
N LYS C 68 -26.39 37.63 -9.36
CA LYS C 68 -27.81 37.62 -9.03
C LYS C 68 -28.64 38.13 -10.21
N THR C 69 -27.96 38.75 -11.18
CA THR C 69 -28.64 39.29 -12.36
C THR C 69 -29.06 38.12 -13.25
N PHE C 70 -29.01 36.91 -12.69
CA PHE C 70 -29.40 35.71 -13.42
C PHE C 70 -30.68 35.13 -12.83
N ASP C 71 -31.58 34.73 -13.72
CA ASP C 71 -32.86 34.17 -13.32
C ASP C 71 -32.72 32.72 -12.85
N TYR C 72 -31.84 31.95 -13.50
CA TYR C 72 -31.65 30.56 -13.13
C TYR C 72 -30.87 30.42 -11.82
N ILE C 73 -31.09 31.35 -10.89
CA ILE C 73 -30.42 31.31 -9.60
C ILE C 73 -31.44 31.08 -8.49
N ILE C 74 -31.87 29.82 -8.35
CA ILE C 74 -32.85 29.44 -7.33
C ILE C 74 -32.47 29.86 -5.90
N GLU C 75 -31.17 29.89 -5.61
CA GLU C 75 -30.67 30.26 -4.27
C GLU C 75 -29.24 30.81 -4.31
N ILE C 76 -28.74 31.19 -3.13
CA ILE C 76 -27.38 31.73 -2.97
C ILE C 76 -27.10 32.17 -1.51
N GLU C 77 -26.65 31.20 -0.70
CA GLU C 77 -26.35 31.40 0.73
C GLU C 77 -24.92 30.98 1.16
N GLU C 78 -24.09 31.97 1.54
CA GLU C 78 -22.70 31.72 1.96
C GLU C 78 -22.58 30.77 3.16
N GLU C 79 -21.89 29.65 2.96
CA GLU C 79 -21.71 28.63 4.01
C GLU C 79 -20.31 28.61 4.64
N GLU C 80 -20.18 27.86 5.74
CA GLU C 80 -18.92 27.75 6.49
C GLU C 80 -17.71 27.18 5.76
N SER C 81 -17.91 26.07 5.05
CA SER C 81 -16.89 25.35 4.29
C SER C 81 -16.63 24.04 5.02
N PHE C 82 -16.26 23.02 4.26
CA PHE C 82 -16.01 21.69 4.80
C PHE C 82 -14.75 21.58 5.66
N GLU C 83 -13.87 22.57 5.54
CA GLU C 83 -12.63 22.60 6.32
C GLU C 83 -12.98 23.18 7.68
N ARG C 84 -14.10 23.90 7.73
CA ARG C 84 -14.57 24.52 8.96
C ARG C 84 -15.35 23.52 9.81
N VAL C 85 -16.28 22.82 9.15
CA VAL C 85 -17.15 21.84 9.82
C VAL C 85 -16.59 20.43 9.86
N PHE C 86 -16.08 19.94 8.74
CA PHE C 86 -15.55 18.58 8.68
C PHE C 86 -14.03 18.44 8.78
N GLY C 87 -13.32 19.56 8.64
CA GLY C 87 -11.87 19.58 8.74
C GLY C 87 -11.07 18.56 7.95
N LYS C 88 -9.87 18.27 8.44
CA LYS C 88 -8.95 17.32 7.82
C LYS C 88 -9.45 15.88 8.01
N ARG C 89 -9.11 15.00 7.07
CA ARG C 89 -9.62 13.64 7.13
C ARG C 89 -8.62 12.51 7.22
N VAL C 90 -9.07 11.45 7.88
CA VAL C 90 -8.30 10.22 8.02
C VAL C 90 -9.10 9.25 7.16
N ILE C 91 -8.43 8.60 6.22
CA ILE C 91 -9.10 7.64 5.37
C ILE C 91 -8.64 6.25 5.79
N ILE C 92 -9.58 5.30 5.86
CA ILE C 92 -9.27 3.93 6.26
C ILE C 92 -9.85 2.99 5.22
N LEU C 93 -9.02 2.13 4.65
CA LEU C 93 -9.45 1.19 3.61
C LEU C 93 -9.00 -0.25 3.87
N GLY C 94 -9.85 -1.22 3.52
CA GLY C 94 -9.47 -2.61 3.73
C GLY C 94 -10.59 -3.55 4.13
N GLY C 95 -10.24 -4.59 4.88
CA GLY C 95 -11.22 -5.56 5.33
C GLY C 95 -12.11 -4.98 6.41
N GLY C 96 -13.39 -5.35 6.36
CA GLY C 96 -14.37 -4.84 7.31
C GLY C 96 -13.97 -4.81 8.78
N ALA C 97 -13.62 -5.96 9.33
CA ALA C 97 -13.26 -6.03 10.75
C ALA C 97 -12.10 -5.12 11.11
N LEU C 98 -10.98 -5.25 10.40
CA LEU C 98 -9.81 -4.41 10.71
C LEU C 98 -10.03 -2.90 10.47
N VAL C 99 -10.82 -2.55 9.46
CA VAL C 99 -11.12 -1.14 9.20
C VAL C 99 -11.86 -0.57 10.41
N SER C 100 -12.82 -1.35 10.92
CA SER C 100 -13.61 -0.94 12.07
C SER C 100 -12.74 -0.77 13.29
N GLN C 101 -11.78 -1.68 13.48
CA GLN C 101 -10.88 -1.60 14.63
C GLN C 101 -10.08 -0.30 14.60
N VAL C 102 -9.58 0.06 13.41
CA VAL C 102 -8.81 1.29 13.26
C VAL C 102 -9.73 2.47 13.49
N ALA C 103 -10.96 2.38 12.98
CA ALA C 103 -11.92 3.45 13.15
C ALA C 103 -12.25 3.74 14.63
N ILE C 104 -12.27 2.69 15.44
CA ILE C 104 -12.54 2.87 16.86
C ILE C 104 -11.45 3.76 17.46
N GLY C 105 -10.21 3.51 17.09
CA GLY C 105 -9.12 4.33 17.60
C GLY C 105 -9.14 5.75 17.06
N ALA C 106 -9.34 5.89 15.74
CA ALA C 106 -9.38 7.20 15.09
C ALA C 106 -10.53 8.07 15.62
N ILE C 107 -11.73 7.49 15.71
CA ILE C 107 -12.89 8.23 16.20
C ILE C 107 -12.69 8.68 17.64
N SER C 108 -12.12 7.81 18.45
CA SER C 108 -11.86 8.12 19.85
C SER C 108 -10.93 9.33 19.98
N GLU C 109 -9.80 9.27 19.28
CA GLU C 109 -8.82 10.36 19.34
C GLU C 109 -9.37 11.66 18.76
N ALA C 110 -10.03 11.57 17.62
CA ALA C 110 -10.61 12.76 16.99
C ALA C 110 -11.62 13.41 17.94
N ASP C 111 -12.34 12.59 18.70
CA ASP C 111 -13.34 13.11 19.64
C ASP C 111 -12.71 14.08 20.64
N ARG C 112 -11.55 13.74 21.18
CA ARG C 112 -10.90 14.61 22.15
C ARG C 112 -10.37 15.86 21.46
N HIS C 113 -9.73 15.66 20.31
CA HIS C 113 -9.14 16.74 19.52
C HIS C 113 -10.17 17.72 18.94
N ASN C 114 -11.35 17.21 18.55
CA ASN C 114 -12.38 18.06 17.98
C ASN C 114 -12.99 18.93 19.06
N LEU C 115 -12.85 18.49 20.29
CA LEU C 115 -13.39 19.23 21.41
C LEU C 115 -12.72 20.59 21.52
N ARG C 116 -11.73 20.83 20.66
CA ARG C 116 -11.03 22.12 20.69
C ARG C 116 -10.46 22.57 19.35
N GLY C 117 -11.18 23.49 18.71
CA GLY C 117 -10.76 24.04 17.43
C GLY C 117 -10.60 23.03 16.32
N GLU C 118 -9.84 21.99 16.59
CA GLU C 118 -9.61 20.94 15.62
C GLU C 118 -10.88 20.32 15.12
N ARG C 119 -10.89 19.99 13.83
CA ARG C 119 -12.02 19.33 13.21
C ARG C 119 -11.36 18.25 12.38
N ILE C 120 -11.50 17.01 12.85
CA ILE C 120 -10.94 15.86 12.15
C ILE C 120 -12.04 14.84 12.03
N SER C 121 -12.22 14.31 10.83
CA SER C 121 -13.24 13.31 10.64
C SER C 121 -12.59 12.03 10.11
N VAL C 122 -13.23 10.91 10.40
CA VAL C 122 -12.72 9.61 10.02
C VAL C 122 -13.60 8.98 8.94
N ASP C 123 -13.07 8.93 7.71
CA ASP C 123 -13.80 8.36 6.58
C ASP C 123 -13.28 6.98 6.24
N THR C 124 -14.19 6.05 6.02
CA THR C 124 -13.80 4.68 5.77
C THR C 124 -14.59 3.98 4.66
N MET C 125 -14.02 2.91 4.13
CA MET C 125 -14.71 2.11 3.12
C MET C 125 -14.12 0.71 3.08
N PRO C 126 -14.96 -0.31 3.36
CA PRO C 126 -14.49 -1.69 3.32
C PRO C 126 -14.37 -2.08 1.87
N VAL C 127 -13.19 -2.53 1.48
CA VAL C 127 -12.97 -2.93 0.10
C VAL C 127 -11.90 -4.01 0.08
N VAL C 128 -12.08 -5.00 -0.79
CA VAL C 128 -11.12 -6.10 -0.91
C VAL C 128 -10.86 -6.41 -2.39
N GLY C 129 -9.67 -6.96 -2.66
CA GLY C 129 -9.28 -7.28 -4.02
C GLY C 129 -8.12 -6.35 -4.32
N GLU C 130 -7.02 -6.89 -4.83
CA GLU C 130 -5.86 -6.06 -5.11
C GLU C 130 -6.14 -4.81 -5.91
N GLU C 131 -6.78 -4.98 -7.06
CA GLU C 131 -7.06 -3.85 -7.92
C GLU C 131 -8.10 -2.89 -7.38
N GLU C 132 -9.13 -3.43 -6.74
CA GLU C 132 -10.18 -2.59 -6.16
C GLU C 132 -9.56 -1.71 -5.09
N ILE C 133 -8.75 -2.31 -4.23
CA ILE C 133 -8.09 -1.57 -3.17
C ILE C 133 -7.07 -0.61 -3.77
N ALA C 134 -6.30 -1.10 -4.75
CA ALA C 134 -5.29 -0.27 -5.39
C ALA C 134 -5.90 1.00 -5.97
N GLU C 135 -7.07 0.85 -6.59
CA GLU C 135 -7.80 1.96 -7.19
C GLU C 135 -8.32 2.96 -6.17
N ALA C 136 -8.73 2.48 -5.01
CA ALA C 136 -9.24 3.33 -3.95
C ALA C 136 -8.09 4.13 -3.34
N VAL C 137 -6.95 3.47 -3.15
CA VAL C 137 -5.78 4.13 -2.60
C VAL C 137 -5.42 5.32 -3.50
N LYS C 138 -5.38 5.05 -4.79
CA LYS C 138 -5.06 6.06 -5.80
C LYS C 138 -6.01 7.25 -5.69
N ALA C 139 -7.30 6.95 -5.57
CA ALA C 139 -8.31 8.00 -5.49
C ALA C 139 -8.21 8.89 -4.24
N VAL C 140 -7.43 8.47 -3.25
CA VAL C 140 -7.26 9.27 -2.04
C VAL C 140 -6.55 10.59 -2.37
N SER C 141 -5.79 10.60 -3.44
CA SER C 141 -5.08 11.82 -3.82
C SER C 141 -6.03 12.91 -4.28
N ARG C 142 -7.18 12.51 -4.84
CA ARG C 142 -8.15 13.50 -5.28
C ARG C 142 -9.26 13.72 -4.26
N LEU C 143 -8.98 13.39 -2.99
CA LEU C 143 -9.94 13.58 -1.92
C LEU C 143 -9.59 14.84 -1.16
N HIS C 144 -10.50 15.79 -1.18
CA HIS C 144 -10.34 17.07 -0.51
C HIS C 144 -10.21 16.93 1.02
N ARG C 145 -9.13 17.51 1.55
CA ARG C 145 -8.83 17.51 3.00
C ARG C 145 -8.25 16.22 3.58
N ALA C 146 -8.01 15.22 2.74
CA ALA C 146 -7.44 13.95 3.21
C ALA C 146 -5.95 14.16 3.53
N GLU C 147 -5.49 13.68 4.68
CA GLU C 147 -4.08 13.86 5.03
C GLU C 147 -3.40 12.57 5.46
N VAL C 148 -4.19 11.58 5.83
CA VAL C 148 -3.63 10.31 6.27
C VAL C 148 -4.48 9.14 5.80
N LEU C 149 -3.82 8.06 5.44
CA LEU C 149 -4.52 6.85 5.01
C LEU C 149 -4.01 5.70 5.87
N VAL C 150 -4.93 4.85 6.31
CA VAL C 150 -4.57 3.68 7.09
C VAL C 150 -5.06 2.48 6.30
N LEU C 151 -4.15 1.57 5.98
CA LEU C 151 -4.54 0.37 5.25
C LEU C 151 -4.70 -0.74 6.28
N ALA C 152 -5.89 -1.34 6.30
CA ALA C 152 -6.22 -2.38 7.26
C ALA C 152 -6.65 -3.66 6.57
N GLY C 153 -5.80 -4.68 6.65
CA GLY C 153 -6.12 -5.94 6.02
C GLY C 153 -5.16 -7.03 6.46
N GLY C 154 -5.33 -8.24 5.93
CA GLY C 154 -4.48 -9.34 6.32
C GLY C 154 -3.27 -9.50 5.40
N ILE C 155 -3.44 -9.13 4.14
CA ILE C 155 -2.37 -9.21 3.15
C ILE C 155 -2.66 -8.24 2.01
N MET C 156 -1.66 -7.45 1.64
CA MET C 156 -1.80 -6.47 0.56
C MET C 156 -0.46 -6.27 -0.14
N GLY C 157 -0.49 -6.25 -1.46
CA GLY C 157 0.71 -6.05 -2.24
C GLY C 157 0.40 -5.66 -3.67
N GLY C 158 1.28 -6.04 -4.60
CA GLY C 158 1.06 -5.75 -6.00
C GLY C 158 0.75 -4.30 -6.30
N LYS C 159 -0.34 -4.09 -7.05
CA LYS C 159 -0.76 -2.75 -7.43
C LYS C 159 -1.00 -1.84 -6.24
N ILE C 160 -1.46 -2.41 -5.13
CA ILE C 160 -1.72 -1.61 -3.95
C ILE C 160 -0.43 -0.93 -3.53
N THR C 161 0.63 -1.72 -3.43
CA THR C 161 1.93 -1.21 -3.04
C THR C 161 2.37 -0.10 -4.01
N GLU C 162 2.06 -0.27 -5.29
CA GLU C 162 2.43 0.73 -6.28
C GLU C 162 1.71 2.05 -6.04
N GLU C 163 0.39 1.98 -5.89
CA GLU C 163 -0.41 3.17 -5.65
C GLU C 163 -0.05 3.83 -4.32
N VAL C 164 0.40 3.04 -3.35
CA VAL C 164 0.79 3.59 -2.05
C VAL C 164 2.05 4.44 -2.23
N LYS C 165 2.95 3.99 -3.11
CA LYS C 165 4.18 4.71 -3.39
C LYS C 165 3.81 6.05 -4.01
N LYS C 166 3.01 6.01 -5.07
CA LYS C 166 2.57 7.23 -5.75
C LYS C 166 1.79 8.13 -4.79
N LEU C 167 0.91 7.52 -4.00
CA LEU C 167 0.11 8.27 -3.05
C LEU C 167 0.94 9.06 -2.06
N ARG C 168 2.06 8.49 -1.59
CA ARG C 168 2.89 9.22 -0.63
C ARG C 168 3.62 10.38 -1.27
N LYS C 169 3.86 10.29 -2.58
CA LYS C 169 4.55 11.36 -3.30
C LYS C 169 3.72 12.63 -3.24
N SER C 170 2.40 12.46 -3.11
CA SER C 170 1.50 13.61 -3.03
C SER C 170 1.28 14.14 -1.61
N GLY C 171 2.20 13.83 -0.70
CA GLY C 171 2.09 14.34 0.67
C GLY C 171 1.20 13.60 1.66
N ILE C 172 0.45 12.61 1.20
CA ILE C 172 -0.41 11.85 2.10
C ILE C 172 0.41 10.80 2.83
N ARG C 173 0.35 10.80 4.16
CA ARG C 173 1.09 9.82 4.95
C ARG C 173 0.29 8.51 4.99
N VAL C 174 0.97 7.38 4.96
CA VAL C 174 0.29 6.10 4.99
C VAL C 174 0.70 5.23 6.18
N ILE C 175 -0.30 4.77 6.94
CA ILE C 175 -0.06 3.90 8.08
C ILE C 175 -0.55 2.52 7.70
N SER C 176 0.25 1.51 7.98
CA SER C 176 -0.12 0.15 7.65
C SER C 176 -0.17 -0.74 8.88
N LEU C 177 -1.09 -1.68 8.92
CA LEU C 177 -1.16 -2.61 10.03
C LEU C 177 -0.06 -3.64 9.77
N SER C 178 0.24 -4.48 10.75
CA SER C 178 1.28 -5.48 10.58
C SER C 178 0.72 -6.66 9.81
N MET C 179 0.56 -6.48 8.50
CA MET C 179 0.00 -7.49 7.60
C MET C 179 1.06 -8.18 6.74
N PHE C 180 0.61 -9.12 5.91
CA PHE C 180 1.48 -9.83 4.98
C PHE C 180 1.49 -9.05 3.67
N GLY C 181 2.49 -9.26 2.83
CA GLY C 181 2.53 -8.53 1.57
C GLY C 181 3.53 -7.38 1.60
N SER C 182 3.72 -6.75 0.44
CA SER C 182 4.68 -5.66 0.30
C SER C 182 4.24 -4.30 0.83
N VAL C 183 2.94 -4.11 1.00
CA VAL C 183 2.43 -2.82 1.50
C VAL C 183 3.13 -2.30 2.78
N PRO C 184 3.29 -3.16 3.80
CA PRO C 184 3.96 -2.69 5.03
C PRO C 184 5.36 -2.11 4.76
N ASP C 185 5.99 -2.59 3.68
CA ASP C 185 7.33 -2.15 3.32
C ASP C 185 7.40 -0.74 2.74
N VAL C 186 6.31 -0.27 2.15
CA VAL C 186 6.29 1.05 1.53
C VAL C 186 5.51 2.09 2.31
N ALA C 187 4.95 1.68 3.45
CA ALA C 187 4.18 2.59 4.26
C ALA C 187 5.13 3.45 5.10
N ASP C 188 4.63 4.56 5.63
CA ASP C 188 5.43 5.46 6.46
C ASP C 188 5.74 4.81 7.80
N VAL C 189 4.78 4.07 8.34
CA VAL C 189 4.95 3.39 9.62
C VAL C 189 4.05 2.16 9.64
N VAL C 190 4.46 1.15 10.40
CA VAL C 190 3.68 -0.07 10.54
C VAL C 190 3.27 -0.21 12.01
N ILE C 191 1.97 -0.22 12.26
CA ILE C 191 1.43 -0.35 13.61
C ILE C 191 0.69 -1.66 13.74
N SER C 192 1.09 -2.47 14.71
CA SER C 192 0.48 -3.77 14.92
C SER C 192 -0.94 -3.69 15.43
N ASP C 193 -1.17 -2.89 16.47
CA ASP C 193 -2.53 -2.77 17.00
C ASP C 193 -3.35 -1.80 16.17
N PRO C 194 -4.46 -2.27 15.60
CA PRO C 194 -5.32 -1.42 14.77
C PRO C 194 -5.89 -0.22 15.52
N VAL C 195 -6.33 -0.42 16.75
CA VAL C 195 -6.87 0.69 17.52
C VAL C 195 -5.80 1.78 17.67
N MET C 196 -4.56 1.39 17.99
CA MET C 196 -3.46 2.34 18.15
C MET C 196 -3.16 3.04 16.81
N ALA C 197 -3.26 2.30 15.72
CA ALA C 197 -3.04 2.86 14.39
C ALA C 197 -4.00 4.01 14.13
N GLY C 198 -5.26 3.83 14.52
CA GLY C 198 -6.24 4.87 14.32
C GLY C 198 -5.95 6.11 15.15
N THR C 199 -5.55 5.92 16.40
CA THR C 199 -5.26 7.05 17.28
C THR C 199 -4.04 7.84 16.78
N LEU C 200 -3.03 7.13 16.29
CA LEU C 200 -1.82 7.76 15.79
C LEU C 200 -2.10 8.53 14.51
N ALA C 201 -2.99 7.99 13.68
CA ALA C 201 -3.35 8.65 12.43
C ALA C 201 -3.93 10.02 12.79
N VAL C 202 -4.79 10.05 13.80
CA VAL C 202 -5.41 11.30 14.22
C VAL C 202 -4.42 12.24 14.90
N MET C 203 -3.53 11.68 15.70
CA MET C 203 -2.53 12.49 16.41
C MET C 203 -1.57 13.16 15.43
N HIS C 204 -1.27 12.49 14.32
CA HIS C 204 -0.38 13.06 13.33
C HIS C 204 -1.00 14.28 12.66
N ILE C 205 -2.26 14.16 12.26
CA ILE C 205 -3.00 15.24 11.60
C ILE C 205 -3.25 16.43 12.53
N SER C 206 -3.51 16.11 13.80
CA SER C 206 -3.82 17.11 14.80
C SER C 206 -2.73 18.15 15.01
N GLU C 207 -3.13 19.42 14.99
CA GLU C 207 -2.20 20.51 15.22
C GLU C 207 -1.97 20.67 16.70
N LYS C 208 -2.84 20.05 17.49
CA LYS C 208 -2.72 20.13 18.93
C LYS C 208 -1.82 19.04 19.51
N ALA C 209 -1.39 18.10 18.66
CA ALA C 209 -0.51 17.01 19.08
C ALA C 209 0.85 17.25 18.44
N LYS C 210 1.92 16.95 19.16
CA LYS C 210 3.26 17.17 18.62
C LYS C 210 3.68 16.00 17.75
N PHE C 211 3.09 14.83 18.00
CA PHE C 211 3.39 13.62 17.25
C PHE C 211 3.44 13.88 15.74
N ASP C 212 4.46 13.35 15.07
CA ASP C 212 4.61 13.53 13.64
C ASP C 212 5.14 12.23 13.05
N LEU C 213 4.49 11.73 12.00
CA LEU C 213 4.93 10.50 11.36
C LEU C 213 6.27 10.63 10.64
N ASP C 214 6.66 11.85 10.33
CA ASP C 214 7.93 12.05 9.66
C ASP C 214 9.05 11.84 10.67
N ARG C 215 8.75 12.09 11.94
CA ARG C 215 9.74 11.92 13.00
C ARG C 215 9.94 10.45 13.38
N VAL C 216 9.26 9.55 12.69
CA VAL C 216 9.37 8.12 12.97
C VAL C 216 9.22 7.25 11.72
N LYS C 217 9.58 7.81 10.56
CA LYS C 217 9.48 7.10 9.30
C LYS C 217 10.26 5.79 9.36
N GLY C 218 9.67 4.73 8.81
CA GLY C 218 10.31 3.43 8.82
C GLY C 218 9.91 2.55 9.98
N ARG C 219 10.10 3.07 11.20
CA ARG C 219 9.78 2.36 12.44
C ARG C 219 8.49 1.51 12.45
N ARG C 220 8.57 0.38 13.15
CA ARG C 220 7.45 -0.55 13.28
C ARG C 220 7.13 -0.73 14.77
N ILE C 221 5.86 -0.56 15.11
CA ILE C 221 5.43 -0.68 16.51
C ILE C 221 4.48 -1.86 16.75
N GLY C 222 4.94 -2.83 17.55
CA GLY C 222 4.12 -3.97 17.85
C GLY C 222 4.66 -5.29 17.32
N LYS C 223 4.13 -6.39 17.82
CA LYS C 223 4.55 -7.72 17.41
C LYS C 223 3.93 -8.10 16.06
C1 RIP D . -16.35 8.83 0.38
C2 RIP D . -15.63 9.94 1.14
C3 RIP D . -14.19 9.45 1.46
C4 RIP D . -14.28 8.17 2.32
C5 RIP D . -15.07 7.11 1.59
O1 RIP D . -17.64 9.26 0.06
O2 RIP D . -15.58 11.11 0.32
O3 RIP D . -13.48 9.17 0.23
O4 RIP D . -13.00 7.66 2.63
O5 RIP D . -16.38 7.65 1.23
ZN ZN E . -32.67 -0.80 0.30
C1 RIP F . 27.81 -17.86 -1.34
C2 RIP F . 27.58 -16.58 -0.59
C3 RIP F . 28.79 -15.61 -0.83
C4 RIP F . 30.06 -16.28 -0.33
C5 RIP F . 30.25 -17.59 -1.08
O1 RIP F . 26.76 -18.74 -1.13
O2 RIP F . 26.37 -16.03 -1.03
O3 RIP F . 28.94 -15.35 -2.21
O4 RIP F . 31.16 -15.47 -0.54
O5 RIP F . 29.07 -18.43 -0.88
ZN ZN G . 45.73 -28.25 -10.13
C1 RIP H . -15.66 14.55 6.01
C2 RIP H . -16.59 14.07 4.93
C3 RIP H . -18.02 13.97 5.53
C4 RIP H . -18.02 12.99 6.72
C5 RIP H . -17.02 13.45 7.75
O1 RIP H . -14.36 14.65 5.51
O2 RIP H . -16.54 14.99 3.83
O3 RIP H . -18.46 15.27 5.97
O4 RIP H . -19.30 12.88 7.33
O5 RIP H . -15.71 13.59 7.13
ZN ZN I . 0.57 16.30 14.95
#